data_9EVL
#
_entry.id   9EVL
#
_cell.length_a   220.187
_cell.length_b   220.187
_cell.length_c   220.187
_cell.angle_alpha   90.00
_cell.angle_beta   90.00
_cell.angle_gamma   90.00
#
_symmetry.space_group_name_H-M   'I 2 3'
#
loop_
_entity.id
_entity.type
_entity.pdbx_description
1 polymer 'Procollagen galactosyltransferase 1'
2 non-polymer 'MERCURY (II) ION'
3 non-polymer 'CHLORIDE ION'
4 non-polymer "GALACTOSE-URIDINE-5'-DIPHOSPHATE"
5 non-polymer '2-(N-MORPHOLINO)-ETHANESULFONIC ACID'
6 non-polymer 'CALCIUM ION'
7 water water
#
_entity_poly.entity_id   1
_entity_poly.type   'polypeptide(L)'
_entity_poly.pdbx_seq_one_letter_code
;GSAPPGADAYFPEERWSPESPLQAPRVLIALLARNAAHALPTTLGALERLRHPRERTALWVATDHNMDNTSTVLREWLVA
VKSLYHSVEWRPAEEPRSYPDEEGPKHWSDSRYEHVMKLRQAALKSARDMWADYILFVDADNLILNPDTLSLLIAENKTV
VAPMLDSRAAYSNFWCGMTSQGYYKRTPAYIPIRKRDRRGCFAVPMVHSTFLIDLRKAASRNLAFYPPHPDYTWSFDDII
VFAFSCKQAEVQMYVCNKEEYGFLPVPLRAHSTLQDEAESFMHVQLEVMVKHPPAEPSRFISAPTKTPDKMGFDEVFMIN
LRRRQDRRERMLRALQAQEIECRLVEAVDGKAMNTSQVEALGIQMLPGYRDPYHGRPLTKGELGCFLSHYNIWKEVVDRG
LQKSLVFEDDLRFEIFFKRRLMNLMRDVEREGLDWDLIYVGRKRMQVEHPEKAVPRVRNLVEADYSYWTLAYVISLQGAR
KLLAAEPLSKMLPVDEFLPVMFDKHPVSEYKAHFSLRNLHAFSVEPLLIYPTHYTGDDGYVSDTETSVVWNNEHVKTDWD
RAKSQKMREQQALSREAKNSDVLQSPLDSAAAAA
;
_entity_poly.pdbx_strand_id   A,B
#
loop_
_chem_comp.id
_chem_comp.type
_chem_comp.name
_chem_comp.formula
CA non-polymer 'CALCIUM ION' 'Ca 2'
CL non-polymer 'CHLORIDE ION' 'Cl -1'
GDU non-polymer GALACTOSE-URIDINE-5'-DIPHOSPHATE 'C15 H24 N2 O17 P2'
HG non-polymer 'MERCURY (II) ION' 'Hg 2'
MES non-polymer '2-(N-MORPHOLINO)-ETHANESULFONIC ACID' 'C6 H13 N O4 S'
#
# COMPACT_ATOMS: atom_id res chain seq x y z
N SER A 17 17.24 -15.82 -9.17
CA SER A 17 16.58 -14.63 -9.69
C SER A 17 16.36 -13.61 -8.56
N PRO A 18 16.69 -12.34 -8.84
CA PRO A 18 16.60 -11.31 -7.79
C PRO A 18 15.26 -10.59 -7.75
N GLU A 19 14.69 -10.45 -6.56
CA GLU A 19 13.47 -9.68 -6.41
C GLU A 19 13.75 -8.20 -6.63
N SER A 20 12.83 -7.53 -7.32
CA SER A 20 12.99 -6.11 -7.58
C SER A 20 12.84 -5.32 -6.28
N PRO A 21 13.31 -4.07 -6.26
CA PRO A 21 13.10 -3.23 -5.07
C PRO A 21 11.62 -3.00 -4.83
N LEU A 22 11.27 -2.80 -3.56
CA LEU A 22 9.93 -2.35 -3.24
C LEU A 22 9.71 -0.93 -3.74
N GLN A 23 8.47 -0.61 -4.03
CA GLN A 23 8.13 0.76 -4.38
C GLN A 23 8.16 1.62 -3.12
N ALA A 24 8.21 2.94 -3.32
CA ALA A 24 8.20 3.85 -2.19
C ALA A 24 6.83 3.83 -1.51
N PRO A 25 6.78 4.16 -0.22
CA PRO A 25 5.50 4.14 0.50
C PRO A 25 4.51 5.14 -0.08
N ARG A 26 3.23 4.78 0.00
CA ARG A 26 2.16 5.61 -0.53
C ARG A 26 1.83 6.71 0.46
N VAL A 27 1.98 7.97 0.04
CA VAL A 27 1.76 9.14 0.87
C VAL A 27 0.64 9.99 0.27
N LEU A 28 -0.37 10.31 1.09
CA LEU A 28 -1.37 11.30 0.74
C LEU A 28 -1.00 12.61 1.43
N ILE A 29 -0.86 13.68 0.65
CA ILE A 29 -0.52 14.99 1.19
C ILE A 29 -1.80 15.78 1.36
N ALA A 30 -2.12 16.13 2.61
CA ALA A 30 -3.35 16.82 2.95
C ALA A 30 -3.07 18.30 3.12
N LEU A 31 -3.80 19.14 2.40
CA LEU A 31 -3.53 20.58 2.33
C LEU A 31 -4.82 21.35 2.54
N LEU A 32 -5.00 21.90 3.74
CA LEU A 32 -6.06 22.88 3.99
C LEU A 32 -5.52 24.27 3.66
N ALA A 33 -6.28 25.04 2.90
CA ALA A 33 -5.81 26.35 2.45
C ALA A 33 -6.93 27.37 2.61
N ARG A 34 -6.69 28.38 3.44
CA ARG A 34 -7.57 29.54 3.55
C ARG A 34 -6.70 30.79 3.53
N ASN A 35 -7.01 31.71 2.60
CA ASN A 35 -6.29 32.97 2.46
C ASN A 35 -4.79 32.76 2.45
N ALA A 36 -4.33 31.97 1.48
CA ALA A 36 -2.93 31.56 1.40
C ALA A 36 -2.32 31.83 0.03
N ALA A 37 -2.98 32.63 -0.81
CA ALA A 37 -2.46 32.90 -2.14
C ALA A 37 -1.09 33.54 -2.08
N HIS A 38 -0.79 34.31 -1.02
CA HIS A 38 0.52 34.93 -0.88
C HIS A 38 1.61 33.90 -0.74
N ALA A 39 1.28 32.70 -0.24
CA ALA A 39 2.28 31.69 0.04
C ALA A 39 2.23 30.49 -0.89
N LEU A 40 1.08 30.23 -1.52
CA LEU A 40 0.93 29.01 -2.31
C LEU A 40 1.95 28.86 -3.42
N PRO A 41 2.31 29.89 -4.21
CA PRO A 41 3.37 29.69 -5.20
C PRO A 41 4.65 29.13 -4.61
N THR A 42 5.14 29.73 -3.52
CA THR A 42 6.36 29.23 -2.89
C THR A 42 6.13 27.92 -2.17
N THR A 43 4.97 27.76 -1.54
CA THR A 43 4.68 26.55 -0.79
C THR A 43 4.44 25.36 -1.71
N LEU A 44 3.56 25.52 -2.70
CA LEU A 44 3.27 24.42 -3.62
C LEU A 44 4.48 24.04 -4.45
N GLY A 45 5.35 25.01 -4.76
CA GLY A 45 6.58 24.69 -5.45
C GLY A 45 7.47 23.77 -4.62
N ALA A 46 7.55 24.01 -3.32
CA ALA A 46 8.36 23.15 -2.46
C ALA A 46 7.82 21.73 -2.42
N LEU A 47 6.50 21.57 -2.49
CA LEU A 47 5.91 20.23 -2.42
C LEU A 47 6.11 19.47 -3.72
N GLU A 48 5.88 20.11 -4.86
CA GLU A 48 6.04 19.43 -6.14
C GLU A 48 7.48 19.01 -6.39
N ARG A 49 8.43 19.52 -5.61
CA ARG A 49 9.83 19.15 -5.74
C ARG A 49 10.31 18.24 -4.62
N LEU A 50 9.38 17.61 -3.90
CA LEU A 50 9.75 16.63 -2.89
C LEU A 50 10.37 15.41 -3.55
N ARG A 51 11.53 14.98 -3.07
CA ARG A 51 12.14 13.76 -3.60
C ARG A 51 11.39 12.55 -3.10
N HIS A 52 10.22 12.28 -3.65
CA HIS A 52 9.37 11.15 -3.31
C HIS A 52 8.52 10.91 -4.55
N PRO A 53 8.45 9.67 -5.04
CA PRO A 53 7.79 9.41 -6.32
C PRO A 53 6.36 9.95 -6.37
N ARG A 54 6.08 10.74 -7.41
CA ARG A 54 4.75 11.31 -7.57
C ARG A 54 3.70 10.21 -7.79
N GLU A 55 4.07 9.12 -8.45
CA GLU A 55 3.12 8.02 -8.61
C GLU A 55 2.80 7.34 -7.29
N ARG A 56 3.64 7.51 -6.27
CA ARG A 56 3.37 7.03 -4.93
C ARG A 56 2.85 8.14 -4.02
N THR A 57 2.40 9.25 -4.60
CA THR A 57 1.90 10.39 -3.86
C THR A 57 0.52 10.76 -4.37
N ALA A 58 -0.38 11.09 -3.45
CA ALA A 58 -1.71 11.58 -3.79
C ALA A 58 -1.96 12.89 -3.06
N LEU A 59 -2.90 13.68 -3.60
CA LEU A 59 -3.17 15.03 -3.14
C LEU A 59 -4.60 15.14 -2.64
N TRP A 60 -4.79 15.88 -1.55
CA TRP A 60 -6.10 16.13 -0.96
C TRP A 60 -6.14 17.59 -0.55
N VAL A 61 -6.95 18.39 -1.24
CA VAL A 61 -6.95 19.84 -1.09
C VAL A 61 -8.35 20.32 -0.76
N ALA A 62 -8.47 21.10 0.32
CA ALA A 62 -9.73 21.69 0.74
C ALA A 62 -9.52 23.17 1.00
N THR A 63 -10.41 24.00 0.47
CA THR A 63 -10.30 25.44 0.61
C THR A 63 -11.69 26.07 0.70
N ASP A 64 -11.81 27.08 1.56
CA ASP A 64 -13.08 27.76 1.81
C ASP A 64 -12.78 29.03 2.59
N HIS A 65 -13.79 29.90 2.66
CA HIS A 65 -13.71 31.15 3.42
C HIS A 65 -12.52 32.00 2.97
N ASN A 66 -12.39 32.17 1.65
CA ASN A 66 -11.26 32.87 1.07
C ASN A 66 -11.65 34.30 0.73
N MET A 67 -10.90 35.26 1.24
CA MET A 67 -11.04 36.65 0.84
C MET A 67 -10.11 37.00 -0.33
N ASP A 68 -9.09 36.19 -0.57
CA ASP A 68 -8.19 36.35 -1.70
C ASP A 68 -8.48 35.28 -2.75
N ASN A 69 -7.68 35.24 -3.81
CA ASN A 69 -7.84 34.26 -4.89
C ASN A 69 -7.13 32.94 -4.59
N THR A 70 -7.21 32.45 -3.35
CA THR A 70 -6.61 31.17 -3.01
C THR A 70 -7.19 30.05 -3.85
N SER A 71 -8.51 30.06 -4.04
CA SER A 71 -9.18 29.00 -4.78
C SER A 71 -8.69 28.92 -6.22
N THR A 72 -8.33 30.05 -6.81
CA THR A 72 -7.89 30.06 -8.21
C THR A 72 -6.46 29.58 -8.37
N VAL A 73 -5.60 29.88 -7.40
CA VAL A 73 -4.21 29.41 -7.47
C VAL A 73 -4.16 27.90 -7.33
N LEU A 74 -4.97 27.33 -6.43
CA LEU A 74 -5.00 25.89 -6.25
C LEU A 74 -5.51 25.18 -7.50
N ARG A 75 -6.60 25.69 -8.08
CA ARG A 75 -7.16 25.04 -9.26
C ARG A 75 -6.20 25.13 -10.44
N GLU A 76 -5.58 26.29 -10.64
CA GLU A 76 -4.57 26.43 -11.68
C GLU A 76 -3.44 25.42 -11.49
N TRP A 77 -3.08 25.13 -10.24
CA TRP A 77 -1.98 24.22 -9.97
C TRP A 77 -2.43 22.77 -10.09
N LEU A 78 -3.59 22.42 -9.53
CA LEU A 78 -4.06 21.04 -9.56
C LEU A 78 -4.27 20.56 -10.99
N VAL A 79 -4.84 21.41 -11.84
CA VAL A 79 -5.06 21.04 -13.24
C VAL A 79 -3.73 20.74 -13.93
N ALA A 80 -2.67 21.45 -13.53
CA ALA A 80 -1.37 21.26 -14.15
C ALA A 80 -0.63 20.02 -13.65
N VAL A 81 -0.95 19.53 -12.46
CA VAL A 81 -0.25 18.41 -11.86
C VAL A 81 -1.14 17.19 -11.65
N LYS A 82 -2.43 17.28 -11.99
CA LYS A 82 -3.32 16.15 -11.78
C LYS A 82 -2.79 14.89 -12.44
N SER A 83 -2.31 15.00 -13.68
CA SER A 83 -1.85 13.85 -14.45
C SER A 83 -0.58 13.21 -13.89
N LEU A 84 0.12 13.89 -12.98
CA LEU A 84 1.39 13.38 -12.49
C LEU A 84 1.27 12.60 -11.19
N TYR A 85 0.12 12.65 -10.53
CA TYR A 85 -0.03 12.07 -9.20
C TYR A 85 -1.04 10.92 -9.22
N HIS A 86 -0.93 10.06 -8.20
CA HIS A 86 -1.78 8.89 -8.11
C HIS A 86 -3.26 9.28 -8.07
N SER A 87 -3.60 10.34 -7.35
CA SER A 87 -4.97 10.81 -7.27
C SER A 87 -4.99 12.25 -6.81
N VAL A 88 -6.11 12.93 -7.08
CA VAL A 88 -6.32 14.31 -6.67
C VAL A 88 -7.77 14.45 -6.21
N GLU A 89 -7.97 14.75 -4.94
CA GLU A 89 -9.27 15.12 -4.41
C GLU A 89 -9.30 16.62 -4.16
N TRP A 90 -10.41 17.25 -4.49
CA TRP A 90 -10.48 18.71 -4.57
C TRP A 90 -11.82 19.15 -3.99
N ARG A 91 -11.78 19.88 -2.87
CA ARG A 91 -12.98 20.32 -2.16
C ARG A 91 -12.98 21.83 -2.00
N PRO A 92 -13.51 22.57 -2.98
CA PRO A 92 -13.62 24.03 -2.85
C PRO A 92 -14.98 24.49 -2.36
N ALA A 93 -15.04 25.65 -1.73
CA ALA A 93 -16.31 26.24 -1.28
C ALA A 93 -16.17 27.75 -1.32
N GLU A 94 -16.76 28.37 -2.35
CA GLU A 94 -16.60 29.82 -2.53
C GLU A 94 -17.39 30.60 -1.49
N GLU A 95 -18.67 30.24 -1.29
CA GLU A 95 -19.49 30.99 -0.36
C GLU A 95 -19.70 30.21 0.93
N PRO A 96 -19.61 30.87 2.09
CA PRO A 96 -19.29 32.28 2.30
C PRO A 96 -17.79 32.50 2.33
N ARG A 97 -17.34 33.76 2.30
CA ARG A 97 -15.93 34.07 2.36
C ARG A 97 -15.43 34.31 3.78
N SER A 98 -16.31 34.22 4.79
CA SER A 98 -15.93 34.40 6.17
C SER A 98 -16.97 33.74 7.07
N TYR A 99 -16.53 33.34 8.27
CA TYR A 99 -17.41 32.65 9.21
C TYR A 99 -18.38 33.63 9.85
N PRO A 100 -19.64 33.22 10.06
CA PRO A 100 -20.61 34.14 10.67
C PRO A 100 -20.33 34.48 12.13
N ASP A 101 -19.38 33.80 12.79
CA ASP A 101 -19.07 34.08 14.19
C ASP A 101 -17.64 34.56 14.37
N GLU A 102 -16.98 34.99 13.30
CA GLU A 102 -15.60 35.44 13.36
C GLU A 102 -15.53 36.94 13.61
N GLU A 103 -14.38 37.37 14.11
CA GLU A 103 -14.07 38.77 14.30
C GLU A 103 -13.06 39.28 13.27
N GLY A 104 -12.61 38.42 12.37
CA GLY A 104 -11.62 38.77 11.38
C GLY A 104 -11.09 37.52 10.73
N PRO A 105 -10.25 37.68 9.69
CA PRO A 105 -9.70 36.49 9.01
C PRO A 105 -8.70 35.71 9.85
N LYS A 106 -8.06 36.35 10.83
CA LYS A 106 -7.11 35.67 11.70
C LYS A 106 -7.70 35.27 13.04
N HIS A 107 -9.02 35.41 13.20
CA HIS A 107 -9.70 34.98 14.41
C HIS A 107 -10.17 33.54 14.25
N TRP A 108 -9.84 32.70 15.22
CA TRP A 108 -10.20 31.27 15.20
C TRP A 108 -11.43 31.07 16.06
N SER A 109 -12.61 31.18 15.45
CA SER A 109 -13.85 30.93 16.15
C SER A 109 -14.08 29.43 16.27
N ASP A 110 -15.13 29.07 17.02
CA ASP A 110 -15.45 27.65 17.19
C ASP A 110 -15.91 27.03 15.88
N SER A 111 -16.60 27.80 15.03
CA SER A 111 -16.99 27.28 13.72
C SER A 111 -15.75 27.02 12.88
N ARG A 112 -14.74 27.89 12.97
CA ARG A 112 -13.50 27.68 12.24
C ARG A 112 -12.73 26.48 12.80
N TYR A 113 -12.61 26.41 14.12
CA TYR A 113 -12.03 25.24 14.76
C TYR A 113 -12.77 23.97 14.35
N GLU A 114 -14.10 23.99 14.44
CA GLU A 114 -14.89 22.80 14.11
C GLU A 114 -14.71 22.41 12.65
N HIS A 115 -14.78 23.38 11.74
CA HIS A 115 -14.65 23.05 10.32
C HIS A 115 -13.26 22.52 10.01
N VAL A 116 -12.21 23.12 10.59
CA VAL A 116 -10.84 22.67 10.32
C VAL A 116 -10.62 21.27 10.86
N MET A 117 -11.16 20.97 12.04
CA MET A 117 -11.08 19.61 12.57
C MET A 117 -11.82 18.62 11.67
N LYS A 118 -12.96 19.03 11.12
CA LYS A 118 -13.70 18.13 10.22
C LYS A 118 -12.92 17.89 8.93
N LEU A 119 -12.25 18.93 8.42
CA LEU A 119 -11.48 18.76 7.19
C LEU A 119 -10.31 17.82 7.40
N ARG A 120 -9.61 17.93 8.54
CA ARG A 120 -8.48 17.03 8.78
C ARG A 120 -8.96 15.61 9.00
N GLN A 121 -10.07 15.44 9.72
CA GLN A 121 -10.69 14.12 9.83
C GLN A 121 -11.07 13.56 8.47
N ALA A 122 -11.62 14.42 7.60
CA ALA A 122 -12.00 13.98 6.26
C ALA A 122 -10.77 13.56 5.46
N ALA A 123 -9.66 14.29 5.62
CA ALA A 123 -8.43 13.91 4.95
C ALA A 123 -7.89 12.58 5.48
N LEU A 124 -8.01 12.36 6.79
CA LEU A 124 -7.56 11.09 7.37
C LEU A 124 -8.41 9.93 6.86
N LYS A 125 -9.73 10.13 6.77
CA LYS A 125 -10.58 9.07 6.23
C LYS A 125 -10.24 8.80 4.77
N SER A 126 -9.95 9.85 4.00
CA SER A 126 -9.54 9.67 2.61
C SER A 126 -8.27 8.82 2.53
N ALA A 127 -7.25 9.18 3.29
CA ALA A 127 -6.02 8.40 3.29
C ALA A 127 -6.28 6.95 3.64
N ARG A 128 -7.15 6.69 4.62
CA ARG A 128 -7.47 5.32 4.98
C ARG A 128 -8.23 4.61 3.87
N ASP A 129 -9.21 5.29 3.25
CA ASP A 129 -10.03 4.64 2.25
C ASP A 129 -9.24 4.30 0.98
N MET A 130 -8.23 5.09 0.65
CA MET A 130 -7.39 4.84 -0.51
C MET A 130 -6.17 3.98 -0.17
N TRP A 131 -6.11 3.43 1.04
CA TRP A 131 -5.06 2.47 1.41
C TRP A 131 -3.67 3.09 1.33
N ALA A 132 -3.55 4.36 1.70
CA ALA A 132 -2.25 5.00 1.77
C ALA A 132 -1.47 4.50 2.97
N ASP A 133 -0.14 4.52 2.84
CA ASP A 133 0.71 4.17 3.97
C ASP A 133 0.82 5.33 4.96
N TYR A 134 0.89 6.56 4.45
CA TYR A 134 1.07 7.74 5.28
C TYR A 134 0.12 8.83 4.82
N ILE A 135 -0.20 9.73 5.75
CA ILE A 135 -0.82 11.01 5.42
C ILE A 135 0.08 12.11 5.97
N LEU A 136 0.46 13.05 5.11
CA LEU A 136 1.32 14.16 5.47
C LEU A 136 0.50 15.43 5.44
N PHE A 137 0.26 16.02 6.62
CA PHE A 137 -0.40 17.31 6.72
C PHE A 137 0.64 18.41 6.57
N VAL A 138 0.35 19.36 5.70
CA VAL A 138 1.21 20.52 5.47
C VAL A 138 0.34 21.76 5.46
N ASP A 139 0.57 22.66 6.41
CA ASP A 139 -0.14 23.94 6.41
C ASP A 139 0.22 24.74 5.17
N ALA A 140 -0.77 25.46 4.63
CA ALA A 140 -0.60 26.12 3.34
C ALA A 140 0.53 27.15 3.34
N ASP A 141 0.98 27.61 4.50
CA ASP A 141 2.08 28.57 4.59
C ASP A 141 3.34 27.96 5.19
N ASN A 142 3.50 26.64 5.09
CA ASN A 142 4.68 25.93 5.58
C ASN A 142 5.58 25.59 4.40
N LEU A 143 6.79 26.12 4.40
CA LEU A 143 7.71 25.99 3.27
C LEU A 143 8.66 24.83 3.55
N ILE A 144 8.35 23.67 2.96
CA ILE A 144 9.18 22.47 3.13
C ILE A 144 10.36 22.56 2.17
N LEU A 145 11.37 23.38 2.53
CA LEU A 145 12.51 23.61 1.65
C LEU A 145 13.24 22.32 1.32
N ASN A 146 13.45 21.46 2.31
CA ASN A 146 14.28 20.27 2.12
C ASN A 146 13.51 19.23 1.33
N PRO A 147 13.95 18.87 0.12
CA PRO A 147 13.19 17.90 -0.69
C PRO A 147 13.16 16.51 -0.07
N ASP A 148 14.03 16.23 0.90
CA ASP A 148 14.10 14.91 1.52
C ASP A 148 13.32 14.82 2.83
N THR A 149 12.63 15.89 3.24
CA THR A 149 11.93 15.91 4.51
C THR A 149 10.98 14.73 4.63
N LEU A 150 10.22 14.43 3.56
CA LEU A 150 9.29 13.33 3.58
C LEU A 150 10.03 12.00 3.78
N SER A 151 11.04 11.75 2.96
CA SER A 151 11.83 10.53 3.10
C SER A 151 12.39 10.41 4.51
N LEU A 152 12.94 11.50 5.04
CA LEU A 152 13.53 11.46 6.38
C LEU A 152 12.49 11.13 7.44
N LEU A 153 11.31 11.77 7.37
CA LEU A 153 10.26 11.50 8.34
C LEU A 153 9.82 10.03 8.30
N ILE A 154 9.65 9.48 7.10
CA ILE A 154 9.28 8.07 6.98
C ILE A 154 10.36 7.17 7.59
N ALA A 155 11.62 7.61 7.55
CA ALA A 155 12.70 6.73 7.99
C ALA A 155 12.68 6.49 9.48
N GLU A 156 12.16 7.42 10.27
CA GLU A 156 12.19 7.26 11.72
C GLU A 156 11.21 6.21 12.22
N ASN A 157 10.33 5.69 11.35
CA ASN A 157 9.37 4.64 11.70
C ASN A 157 8.60 4.99 12.98
N LYS A 158 8.03 6.19 12.99
CA LYS A 158 7.16 6.64 14.07
C LYS A 158 5.72 6.71 13.55
N THR A 159 4.78 6.67 14.49
CA THR A 159 3.38 6.74 14.10
C THR A 159 2.92 8.17 13.88
N VAL A 160 3.37 9.11 14.72
CA VAL A 160 3.12 10.54 14.53
C VAL A 160 4.44 11.27 14.76
N VAL A 161 5.06 11.74 13.68
CA VAL A 161 6.33 12.43 13.75
C VAL A 161 6.22 13.72 12.95
N ALA A 162 6.91 14.75 13.41
CA ALA A 162 6.86 16.05 12.78
C ALA A 162 8.27 16.59 12.57
N PRO A 163 8.50 17.30 11.46
CA PRO A 163 9.79 17.96 11.28
C PRO A 163 9.79 19.34 11.92
N MET A 164 10.84 19.64 12.67
CA MET A 164 10.93 20.95 13.30
C MET A 164 11.17 22.02 12.24
N LEU A 165 10.22 22.93 12.10
CA LEU A 165 10.31 24.02 11.14
C LEU A 165 10.86 25.26 11.83
N ASP A 166 11.78 25.93 11.14
CA ASP A 166 12.38 27.15 11.67
C ASP A 166 11.45 28.34 11.44
N SER A 167 11.47 29.27 12.40
CA SER A 167 10.75 30.53 12.29
C SER A 167 11.70 31.65 12.68
N ARG A 168 11.24 32.90 12.52
CA ARG A 168 12.06 34.04 12.89
C ARG A 168 12.25 34.17 14.39
N ALA A 169 11.43 33.49 15.19
CA ALA A 169 11.50 33.57 16.64
C ALA A 169 11.56 32.19 17.26
N ALA A 170 11.39 32.11 18.58
CA ALA A 170 11.41 30.83 19.26
C ALA A 170 10.26 29.91 18.86
N TYR A 171 9.22 30.44 18.21
CA TYR A 171 8.09 29.62 17.80
C TYR A 171 8.53 28.51 16.86
N SER A 172 7.98 27.31 17.09
CA SER A 172 8.11 26.21 16.16
C SER A 172 6.83 25.38 16.26
N ASN A 173 6.75 24.33 15.44
CA ASN A 173 5.54 23.50 15.38
C ASN A 173 5.56 22.35 16.37
N PHE A 174 5.97 22.60 17.62
CA PHE A 174 5.92 21.58 18.66
C PHE A 174 5.93 22.27 20.02
N TRP A 175 5.43 21.54 21.03
CA TRP A 175 5.56 21.93 22.42
C TRP A 175 6.42 20.90 23.15
N CYS A 176 7.14 21.36 24.16
CA CYS A 176 7.89 20.42 25.00
C CYS A 176 7.14 20.02 26.25
N GLY A 177 6.17 20.82 26.69
CA GLY A 177 5.38 20.47 27.86
C GLY A 177 3.92 20.82 27.64
N MET A 178 3.07 20.23 28.49
CA MET A 178 1.64 20.50 28.46
C MET A 178 1.10 20.39 29.87
N THR A 179 0.27 21.35 30.26
CA THR A 179 -0.31 21.35 31.60
C THR A 179 -1.40 20.28 31.69
N SER A 180 -1.88 20.07 32.92
CA SER A 180 -2.97 19.14 33.16
C SER A 180 -4.29 19.60 32.55
N GLN A 181 -4.33 20.81 31.98
CA GLN A 181 -5.52 21.33 31.33
C GLN A 181 -5.34 21.56 29.84
N GLY A 182 -4.15 21.30 29.30
CA GLY A 182 -3.92 21.40 27.87
C GLY A 182 -3.30 22.68 27.37
N TYR A 183 -2.57 23.41 28.20
CA TYR A 183 -1.96 24.66 27.81
C TYR A 183 -0.47 24.45 27.52
N TYR A 184 0.10 25.38 26.75
CA TYR A 184 1.52 25.33 26.45
C TYR A 184 2.33 25.44 27.75
N LYS A 185 3.51 24.83 27.74
CA LYS A 185 4.37 24.80 28.92
C LYS A 185 5.82 24.84 28.48
N ARG A 186 6.55 25.85 28.95
CA ARG A 186 7.98 25.88 28.74
C ARG A 186 8.66 24.81 29.58
N THR A 187 9.72 24.24 29.03
CA THR A 187 10.56 23.26 29.70
C THR A 187 12.01 23.63 29.45
N PRO A 188 12.94 23.17 30.30
CA PRO A 188 14.36 23.40 30.03
C PRO A 188 14.84 22.81 28.71
N ALA A 189 14.06 21.92 28.10
CA ALA A 189 14.50 21.22 26.90
C ALA A 189 14.07 21.91 25.61
N TYR A 190 13.18 22.90 25.67
CA TYR A 190 12.66 23.49 24.43
C TYR A 190 13.75 24.22 23.66
N ILE A 191 14.50 25.09 24.34
CA ILE A 191 15.51 25.89 23.65
C ILE A 191 16.61 25.03 23.02
N PRO A 192 17.19 24.05 23.73
CA PRO A 192 18.23 23.24 23.07
C PRO A 192 17.73 22.51 21.84
N ILE A 193 16.48 22.05 21.85
CA ILE A 193 15.90 21.42 20.67
C ILE A 193 15.66 22.45 19.58
N ARG A 194 15.11 23.61 19.95
CA ARG A 194 14.76 24.64 18.97
C ARG A 194 15.99 25.16 18.24
N LYS A 195 17.13 25.24 18.91
CA LYS A 195 18.36 25.74 18.30
C LYS A 195 19.23 24.63 17.72
N ARG A 196 18.69 23.42 17.60
CA ARG A 196 19.44 22.25 17.10
C ARG A 196 20.73 22.01 17.90
N ASP A 197 20.71 22.31 19.20
CA ASP A 197 21.82 21.92 20.06
C ASP A 197 21.76 20.43 20.38
N ARG A 198 20.60 19.95 20.81
CA ARG A 198 20.31 18.52 20.89
C ARG A 198 19.63 18.11 19.59
N ARG A 199 20.34 17.36 18.74
CA ARG A 199 19.78 16.88 17.50
C ARG A 199 19.26 15.46 17.66
N GLY A 200 18.12 15.19 17.07
CA GLY A 200 17.51 13.87 17.12
C GLY A 200 16.00 13.98 17.13
N CYS A 201 15.37 12.84 17.34
CA CYS A 201 13.91 12.76 17.42
C CYS A 201 13.50 12.63 18.88
N PHE A 202 12.72 13.58 19.37
CA PHE A 202 12.36 13.67 20.78
C PHE A 202 10.86 13.47 20.94
N ALA A 203 10.49 12.76 22.01
CA ALA A 203 9.08 12.52 22.31
C ALA A 203 8.50 13.75 22.99
N VAL A 204 7.50 14.36 22.37
CA VAL A 204 6.91 15.61 22.86
C VAL A 204 5.41 15.42 22.97
N PRO A 205 4.74 16.25 23.78
CA PRO A 205 3.28 16.15 23.92
C PRO A 205 2.47 16.88 22.87
N MET A 206 3.11 17.51 21.88
CA MET A 206 2.38 18.31 20.90
C MET A 206 3.23 18.51 19.66
N VAL A 207 2.68 18.18 18.49
CA VAL A 207 3.21 18.59 17.20
C VAL A 207 2.03 19.01 16.33
N HIS A 208 2.28 19.92 15.41
CA HIS A 208 1.22 20.45 14.56
C HIS A 208 1.83 21.10 13.33
N SER A 209 0.97 21.71 12.52
CA SER A 209 1.36 22.42 11.30
C SER A 209 1.85 21.47 10.21
N THR A 210 2.96 20.78 10.45
CA THR A 210 3.46 19.77 9.52
C THR A 210 3.85 18.52 10.29
N PHE A 211 3.19 17.41 9.99
CA PHE A 211 3.49 16.14 10.66
C PHE A 211 3.02 15.00 9.77
N LEU A 212 3.54 13.81 10.06
CA LEU A 212 3.29 12.61 9.27
C LEU A 212 2.66 11.55 10.17
N ILE A 213 1.55 10.96 9.70
CA ILE A 213 0.89 9.87 10.42
C ILE A 213 1.16 8.57 9.65
N ASP A 214 1.44 7.52 10.40
CA ASP A 214 1.79 6.21 9.85
C ASP A 214 0.53 5.35 9.88
N LEU A 215 -0.18 5.29 8.75
CA LEU A 215 -1.41 4.52 8.70
C LEU A 215 -1.18 3.03 8.52
N ARG A 216 0.08 2.59 8.45
CA ARG A 216 0.36 1.16 8.54
C ARG A 216 0.20 0.66 9.96
N LYS A 217 0.39 1.53 10.95
CA LYS A 217 0.36 1.14 12.35
C LYS A 217 -1.08 0.92 12.81
N ALA A 218 -1.31 -0.20 13.50
CA ALA A 218 -2.66 -0.50 13.98
C ALA A 218 -3.15 0.56 14.95
N ALA A 219 -2.24 1.19 15.70
CA ALA A 219 -2.66 2.21 16.66
C ALA A 219 -3.26 3.43 15.96
N SER A 220 -2.81 3.72 14.73
CA SER A 220 -3.33 4.88 14.03
C SER A 220 -4.82 4.79 13.75
N ARG A 221 -5.38 3.57 13.75
CA ARG A 221 -6.83 3.40 13.60
C ARG A 221 -7.61 4.16 14.66
N ASN A 222 -7.01 4.40 15.83
CA ASN A 222 -7.68 5.06 16.95
C ASN A 222 -7.50 6.58 16.95
N LEU A 223 -6.70 7.13 16.04
CA LEU A 223 -6.55 8.58 15.94
C LEU A 223 -7.75 9.20 15.26
N ALA A 224 -8.16 10.38 15.73
CA ALA A 224 -9.29 11.09 15.13
C ALA A 224 -9.12 12.58 15.37
N PHE A 225 -9.13 13.35 14.27
CA PHE A 225 -9.13 14.80 14.40
C PHE A 225 -10.48 15.33 14.87
N TYR A 226 -11.56 14.61 14.53
CA TYR A 226 -12.91 14.98 14.95
C TYR A 226 -13.75 13.72 15.04
N PRO A 227 -14.65 13.62 16.01
CA PRO A 227 -14.90 14.58 17.11
C PRO A 227 -13.88 14.40 18.23
N PRO A 228 -13.91 15.21 19.29
CA PRO A 228 -13.00 14.97 20.42
C PRO A 228 -13.29 13.64 21.08
N HIS A 229 -12.26 13.08 21.70
CA HIS A 229 -12.42 11.84 22.44
C HIS A 229 -13.48 12.03 23.52
N PRO A 230 -14.33 11.02 23.79
CA PRO A 230 -15.41 11.21 24.76
C PRO A 230 -14.95 11.62 26.15
N ASP A 231 -13.66 11.51 26.47
CA ASP A 231 -13.12 11.97 27.75
C ASP A 231 -12.53 13.37 27.66
N TYR A 232 -12.56 14.00 26.49
CA TYR A 232 -11.91 15.30 26.29
C TYR A 232 -12.67 16.37 27.09
N THR A 233 -11.94 17.05 27.97
CA THR A 233 -12.52 18.09 28.82
C THR A 233 -11.79 19.42 28.68
N TRP A 234 -11.06 19.62 27.58
CA TRP A 234 -10.26 20.80 27.39
C TRP A 234 -10.96 21.76 26.42
N SER A 235 -10.27 22.82 26.03
CA SER A 235 -10.85 23.83 25.16
C SER A 235 -11.03 23.27 23.75
N PHE A 236 -11.90 23.93 22.99
CA PHE A 236 -12.28 23.46 21.66
C PHE A 236 -11.25 23.91 20.61
N ASP A 237 -10.01 23.50 20.85
CA ASP A 237 -8.86 23.84 20.02
C ASP A 237 -8.47 22.64 19.17
N ASP A 238 -8.20 22.88 17.88
CA ASP A 238 -8.01 21.77 16.93
C ASP A 238 -6.75 20.96 17.25
N ILE A 239 -5.65 21.62 17.61
CA ILE A 239 -4.41 20.89 17.85
C ILE A 239 -4.47 20.14 19.17
N ILE A 240 -5.08 20.73 20.20
CA ILE A 240 -5.18 20.04 21.48
C ILE A 240 -6.11 18.84 21.38
N VAL A 241 -7.19 18.97 20.61
CA VAL A 241 -8.10 17.85 20.41
C VAL A 241 -7.37 16.67 19.78
N PHE A 242 -6.53 16.93 18.78
CA PHE A 242 -5.72 15.85 18.20
C PHE A 242 -4.71 15.33 19.21
N ALA A 243 -4.07 16.24 19.95
CA ALA A 243 -3.08 15.83 20.94
C ALA A 243 -3.67 14.86 21.95
N PHE A 244 -4.85 15.20 22.49
CA PHE A 244 -5.51 14.30 23.44
C PHE A 244 -5.93 12.99 22.78
N SER A 245 -6.14 12.99 21.47
CA SER A 245 -6.53 11.75 20.78
C SER A 245 -5.38 10.76 20.76
N CYS A 246 -4.16 11.24 20.51
CA CYS A 246 -3.00 10.35 20.55
C CYS A 246 -2.72 9.88 21.97
N LYS A 247 -3.00 10.72 22.96
CA LYS A 247 -2.84 10.30 24.35
C LYS A 247 -3.74 9.11 24.64
N GLN A 248 -5.02 9.21 24.30
CA GLN A 248 -5.95 8.09 24.50
C GLN A 248 -5.55 6.89 23.64
N ALA A 249 -4.96 7.12 22.48
CA ALA A 249 -4.53 6.02 21.63
C ALA A 249 -3.20 5.42 22.06
N GLU A 250 -2.53 6.05 23.04
CA GLU A 250 -1.19 5.66 23.48
C GLU A 250 -0.17 5.77 22.34
N VAL A 251 -0.41 6.70 21.42
CA VAL A 251 0.51 6.99 20.33
C VAL A 251 1.39 8.16 20.76
N GLN A 252 2.70 7.95 20.74
CA GLN A 252 3.65 8.98 21.15
C GLN A 252 3.99 9.89 19.98
N MET A 253 3.91 11.20 20.20
CA MET A 253 4.28 12.18 19.19
C MET A 253 5.77 12.48 19.25
N TYR A 254 6.39 12.63 18.09
CA TYR A 254 7.81 12.93 18.00
C TYR A 254 8.05 14.16 17.14
N VAL A 255 9.13 14.85 17.44
CA VAL A 255 9.66 15.92 16.59
C VAL A 255 11.13 15.64 16.36
N CYS A 256 11.58 15.81 15.12
CA CYS A 256 12.98 15.58 14.77
C CYS A 256 13.59 16.88 14.29
N ASN A 257 14.81 17.16 14.74
CA ASN A 257 15.55 18.34 14.32
C ASN A 257 16.94 17.97 13.82
N LYS A 258 17.05 16.79 13.21
CA LYS A 258 18.37 16.31 12.79
C LYS A 258 18.98 17.18 11.72
N GLU A 259 18.15 17.79 10.86
CA GLU A 259 18.65 18.74 9.88
C GLU A 259 17.57 19.77 9.58
N GLU A 260 17.93 20.75 8.76
CA GLU A 260 16.99 21.80 8.37
C GLU A 260 15.93 21.19 7.46
N TYR A 261 14.66 21.35 7.83
CA TYR A 261 13.55 20.83 7.04
C TYR A 261 12.83 21.95 6.30
N GLY A 262 12.35 22.96 7.00
CA GLY A 262 11.62 24.02 6.35
C GLY A 262 11.40 25.20 7.27
N PHE A 263 10.57 26.13 6.80
CA PHE A 263 10.37 27.40 7.47
C PHE A 263 8.90 27.69 7.64
N LEU A 264 8.59 28.47 8.69
CA LEU A 264 7.22 28.64 9.17
C LEU A 264 7.03 30.09 9.59
N PRO A 265 5.93 30.73 9.21
CA PRO A 265 5.65 32.06 9.76
C PRO A 265 5.01 31.96 11.14
N VAL A 266 5.38 32.88 12.01
CA VAL A 266 4.81 32.89 13.36
C VAL A 266 3.35 33.33 13.28
N PRO A 267 2.42 32.60 13.89
CA PRO A 267 1.01 33.00 13.83
C PRO A 267 0.77 34.39 14.40
N LEU A 268 -0.32 35.01 13.95
CA LEU A 268 -0.67 36.37 14.32
C LEU A 268 -1.89 36.39 15.23
N ARG A 269 -2.13 37.54 15.85
CA ARG A 269 -3.26 37.71 16.75
C ARG A 269 -4.58 37.60 15.99
N ALA A 270 -5.67 37.47 16.75
CA ALA A 270 -6.99 37.31 16.15
C ALA A 270 -7.41 38.53 15.34
N HIS A 271 -6.90 39.71 15.68
CA HIS A 271 -7.29 40.93 15.00
C HIS A 271 -6.19 41.45 14.07
N SER A 272 -5.28 40.58 13.66
CA SER A 272 -4.34 40.95 12.60
C SER A 272 -5.03 40.92 11.25
N THR A 273 -4.34 41.41 10.24
CA THR A 273 -4.91 41.61 8.91
C THR A 273 -4.32 40.61 7.93
N LEU A 274 -4.99 40.50 6.77
CA LEU A 274 -4.48 39.66 5.69
C LEU A 274 -3.12 40.15 5.20
N GLN A 275 -2.95 41.47 5.08
CA GLN A 275 -1.67 41.99 4.63
C GLN A 275 -0.56 41.69 5.62
N ASP A 276 -0.89 41.65 6.92
CA ASP A 276 0.08 41.20 7.90
C ASP A 276 0.55 39.79 7.58
N GLU A 277 -0.39 38.88 7.35
CA GLU A 277 -0.04 37.51 7.01
C GLU A 277 0.77 37.45 5.72
N ALA A 278 0.38 38.25 4.72
CA ALA A 278 1.10 38.24 3.45
C ALA A 278 2.53 38.73 3.63
N GLU A 279 2.72 39.81 4.38
CA GLU A 279 4.05 40.34 4.58
C GLU A 279 4.85 39.51 5.57
N SER A 280 4.17 38.85 6.51
CA SER A 280 4.88 37.96 7.45
C SER A 280 5.48 36.76 6.72
N PHE A 281 4.75 36.21 5.73
CA PHE A 281 5.31 35.10 4.97
C PHE A 281 6.42 35.56 4.02
N MET A 282 6.32 36.80 3.51
CA MET A 282 7.41 37.35 2.72
C MET A 282 8.70 37.40 3.53
N HIS A 283 8.60 37.72 4.83
CA HIS A 283 9.78 37.72 5.68
C HIS A 283 10.37 36.33 5.81
N VAL A 284 9.54 35.29 5.73
CA VAL A 284 10.07 33.93 5.69
C VAL A 284 10.92 33.73 4.45
N GLN A 285 10.46 34.25 3.30
CA GLN A 285 11.26 34.15 2.08
C GLN A 285 12.55 34.93 2.20
N LEU A 286 12.50 36.10 2.83
CA LEU A 286 13.72 36.86 3.07
C LEU A 286 14.69 36.10 3.97
N GLU A 287 14.17 35.50 5.04
CA GLU A 287 15.01 34.72 5.95
C GLU A 287 15.65 33.53 5.24
N VAL A 288 14.92 32.91 4.31
CA VAL A 288 15.50 31.81 3.54
C VAL A 288 16.68 32.31 2.72
N MET A 289 16.54 33.49 2.10
CA MET A 289 17.57 34.00 1.21
C MET A 289 18.80 34.52 1.94
N VAL A 290 18.87 34.38 3.27
CA VAL A 290 20.08 34.76 3.98
C VAL A 290 21.17 33.73 3.75
N LYS A 291 20.91 32.48 4.12
CA LYS A 291 21.90 31.41 4.00
C LYS A 291 21.55 30.39 2.92
N HIS A 292 20.46 30.56 2.19
CA HIS A 292 20.03 29.64 1.16
C HIS A 292 19.69 30.41 -0.11
N PRO A 293 19.75 29.75 -1.26
CA PRO A 293 19.26 30.38 -2.49
C PRO A 293 17.77 30.68 -2.39
N PRO A 294 17.24 31.54 -3.26
CA PRO A 294 15.81 31.89 -3.16
C PRO A 294 14.92 30.68 -3.38
N ALA A 295 13.82 30.63 -2.63
CA ALA A 295 12.84 29.56 -2.75
C ALA A 295 11.97 29.84 -3.98
N GLU A 296 12.14 29.04 -5.02
CA GLU A 296 11.41 29.27 -6.26
C GLU A 296 9.95 28.83 -6.11
N PRO A 297 9.04 29.51 -6.81
CA PRO A 297 7.65 29.05 -6.84
C PRO A 297 7.48 27.93 -7.84
N SER A 298 6.29 27.31 -7.81
CA SER A 298 5.97 26.25 -8.74
C SER A 298 6.05 26.74 -10.18
N ARG A 299 6.61 25.92 -11.05
CA ARG A 299 6.70 26.28 -12.46
C ARG A 299 5.36 26.18 -13.18
N PHE A 300 4.28 25.90 -12.43
CA PHE A 300 2.93 25.86 -12.97
C PHE A 300 2.06 26.98 -12.43
N ILE A 301 2.56 27.79 -11.52
CA ILE A 301 1.81 28.92 -10.95
C ILE A 301 2.59 30.19 -11.25
N SER A 302 1.91 31.18 -11.82
CA SER A 302 2.51 32.48 -12.06
C SER A 302 2.42 33.33 -10.79
N ALA A 303 3.56 33.66 -10.21
CA ALA A 303 3.58 34.53 -9.05
C ALA A 303 3.14 35.93 -9.45
N PRO A 304 2.38 36.62 -8.60
CA PRO A 304 1.85 37.93 -9.00
C PRO A 304 2.96 38.97 -9.10
N THR A 305 2.76 39.93 -9.99
CA THR A 305 3.74 40.98 -10.19
C THR A 305 3.75 41.92 -8.99
N LYS A 306 4.90 42.54 -8.75
CA LYS A 306 5.07 43.47 -7.64
C LYS A 306 5.47 44.84 -8.18
N THR A 307 4.86 45.88 -7.62
CA THR A 307 5.16 47.25 -8.03
C THR A 307 5.99 47.93 -6.95
N PRO A 308 7.28 48.20 -7.19
CA PRO A 308 8.12 48.84 -6.18
C PRO A 308 8.03 50.36 -6.21
N ASP A 309 7.99 50.95 -5.03
CA ASP A 309 8.09 52.39 -4.85
C ASP A 309 9.41 52.73 -4.17
N LYS A 310 9.62 54.02 -3.92
CA LYS A 310 10.77 54.49 -3.19
C LYS A 310 10.46 54.72 -1.71
N MET A 311 9.29 54.25 -1.24
CA MET A 311 8.92 54.37 0.16
C MET A 311 8.81 55.82 0.61
N GLY A 312 8.56 56.72 -0.35
CA GLY A 312 8.42 58.12 -0.06
C GLY A 312 9.71 58.90 0.06
N PHE A 313 10.85 58.22 0.10
CA PHE A 313 12.12 58.93 0.11
C PHE A 313 12.38 59.59 -1.24
N ASP A 314 13.23 60.62 -1.23
CA ASP A 314 13.61 61.26 -2.48
C ASP A 314 14.52 60.37 -3.32
N GLU A 315 15.18 59.39 -2.71
CA GLU A 315 16.01 58.43 -3.41
C GLU A 315 16.37 57.31 -2.44
N VAL A 316 16.59 56.12 -2.99
CA VAL A 316 17.05 54.97 -2.23
C VAL A 316 18.30 54.44 -2.93
N PHE A 317 19.46 54.58 -2.27
CA PHE A 317 20.72 54.12 -2.80
C PHE A 317 21.04 52.72 -2.28
N MET A 318 21.83 51.99 -3.05
CA MET A 318 22.38 50.71 -2.61
C MET A 318 23.84 50.65 -3.02
N ILE A 319 24.74 50.68 -2.05
CA ILE A 319 26.17 50.58 -2.32
C ILE A 319 26.53 49.12 -2.53
N ASN A 320 27.37 48.85 -3.52
CA ASN A 320 27.79 47.48 -3.82
C ASN A 320 29.02 47.45 -4.71
N LEU A 321 30.03 46.67 -4.33
CA LEU A 321 31.17 46.45 -5.21
C LEU A 321 30.72 45.74 -6.47
N ARG A 322 31.20 46.21 -7.62
CA ARG A 322 30.85 45.57 -8.88
C ARG A 322 31.37 44.14 -8.95
N ARG A 323 32.39 43.80 -8.15
CA ARG A 323 32.87 42.42 -8.09
C ARG A 323 32.00 41.52 -7.22
N ARG A 324 31.26 42.08 -6.27
CA ARG A 324 30.39 41.29 -5.40
C ARG A 324 29.03 41.06 -6.07
N GLN A 325 29.06 40.21 -7.10
CA GLN A 325 27.83 39.89 -7.81
C GLN A 325 26.88 39.06 -6.96
N ASP A 326 27.43 38.20 -6.09
CA ASP A 326 26.59 37.39 -5.22
C ASP A 326 25.76 38.26 -4.29
N ARG A 327 26.40 39.26 -3.68
CA ARG A 327 25.67 40.17 -2.78
C ARG A 327 24.67 41.01 -3.55
N ARG A 328 25.01 41.41 -4.77
CA ARG A 328 24.11 42.25 -5.56
C ARG A 328 22.82 41.50 -5.89
N GLU A 329 22.94 40.27 -6.37
CA GLU A 329 21.74 39.50 -6.74
C GLU A 329 20.87 39.21 -5.53
N ARG A 330 21.47 39.02 -4.35
CA ARG A 330 20.69 38.73 -3.17
C ARG A 330 19.91 39.96 -2.70
N MET A 331 20.54 41.13 -2.74
CA MET A 331 19.86 42.34 -2.31
C MET A 331 18.76 42.74 -3.28
N LEU A 332 19.03 42.65 -4.58
CA LEU A 332 18.03 42.99 -5.58
C LEU A 332 16.82 42.07 -5.52
N ARG A 333 16.96 40.88 -4.94
CA ARG A 333 15.82 39.99 -4.75
C ARG A 333 15.05 40.35 -3.48
N ALA A 334 15.76 40.63 -2.38
CA ALA A 334 15.07 41.03 -1.15
C ALA A 334 14.35 42.36 -1.33
N LEU A 335 14.96 43.30 -2.04
CA LEU A 335 14.31 44.57 -2.31
C LEU A 335 13.08 44.37 -3.20
N GLN A 336 13.23 43.65 -4.31
CA GLN A 336 12.10 43.42 -5.20
C GLN A 336 10.99 42.64 -4.50
N ALA A 337 11.34 41.72 -3.61
CA ALA A 337 10.34 40.98 -2.87
C ALA A 337 9.52 41.89 -1.96
N GLN A 338 10.15 42.92 -1.40
CA GLN A 338 9.49 43.86 -0.52
C GLN A 338 8.86 45.04 -1.26
N GLU A 339 8.78 44.96 -2.59
CA GLU A 339 8.29 46.06 -3.42
C GLU A 339 9.04 47.35 -3.13
N ILE A 340 10.36 47.24 -3.03
CA ILE A 340 11.24 48.37 -2.79
C ILE A 340 12.14 48.53 -4.02
N GLU A 341 12.34 49.78 -4.42
CA GLU A 341 13.14 50.12 -5.60
C GLU A 341 14.33 50.96 -5.17
N CYS A 342 15.50 50.66 -5.73
CA CYS A 342 16.73 51.35 -5.36
C CYS A 342 17.51 51.72 -6.61
N ARG A 343 18.33 52.76 -6.48
CA ARG A 343 19.29 53.12 -7.52
C ARG A 343 20.65 52.54 -7.13
N LEU A 344 21.18 51.67 -7.99
CA LEU A 344 22.42 50.96 -7.69
C LEU A 344 23.60 51.91 -7.85
N VAL A 345 24.38 52.07 -6.78
CA VAL A 345 25.60 52.85 -6.79
C VAL A 345 26.77 51.89 -6.69
N GLU A 346 27.66 51.92 -7.67
CA GLU A 346 28.84 51.06 -7.67
C GLU A 346 29.87 51.60 -6.68
N ALA A 347 30.28 50.77 -5.73
CA ALA A 347 31.21 51.20 -4.70
C ALA A 347 32.60 51.42 -5.29
N VAL A 348 33.41 52.19 -4.57
CA VAL A 348 34.79 52.46 -4.95
C VAL A 348 35.68 51.41 -4.29
N ASP A 349 36.33 50.58 -5.11
CA ASP A 349 37.23 49.56 -4.59
C ASP A 349 38.51 50.21 -4.05
N GLY A 350 38.49 50.57 -2.77
CA GLY A 350 39.66 51.19 -2.15
C GLY A 350 40.87 50.30 -2.07
N LYS A 351 40.74 49.03 -2.45
CA LYS A 351 41.87 48.12 -2.49
C LYS A 351 42.57 48.12 -3.85
N ALA A 352 41.84 48.46 -4.91
CA ALA A 352 42.40 48.53 -6.26
C ALA A 352 43.02 49.88 -6.57
N MET A 353 43.18 50.75 -5.56
CA MET A 353 43.78 52.06 -5.74
C MET A 353 45.25 51.99 -5.34
N ASN A 354 46.13 52.38 -6.25
CA ASN A 354 47.54 52.47 -5.93
C ASN A 354 47.82 53.69 -5.05
N THR A 355 49.07 53.79 -4.59
CA THR A 355 49.45 54.89 -3.71
C THR A 355 49.35 56.25 -4.39
N SER A 356 49.37 56.27 -5.73
CA SER A 356 49.29 57.53 -6.46
C SER A 356 47.87 58.09 -6.48
N GLN A 357 46.87 57.24 -6.73
CA GLN A 357 45.49 57.69 -6.79
C GLN A 357 44.95 58.05 -5.41
N VAL A 358 45.50 57.48 -4.34
CA VAL A 358 45.10 57.87 -2.99
C VAL A 358 45.46 59.34 -2.74
N GLU A 359 46.68 59.72 -3.09
CA GLU A 359 47.10 61.12 -2.97
C GLU A 359 46.40 62.02 -3.99
N ALA A 360 45.90 61.46 -5.09
CA ALA A 360 45.23 62.25 -6.10
C ALA A 360 43.95 62.89 -5.58
N LEU A 361 43.35 62.30 -4.54
CA LEU A 361 42.11 62.81 -3.96
C LEU A 361 42.35 63.67 -2.73
N GLY A 362 43.59 63.80 -2.28
CA GLY A 362 43.89 64.57 -1.08
C GLY A 362 43.43 63.86 0.17
N ILE A 363 43.89 62.62 0.36
CA ILE A 363 43.43 61.77 1.45
C ILE A 363 44.61 61.53 2.39
N GLN A 364 44.41 61.85 3.67
CA GLN A 364 45.40 61.60 4.71
C GLN A 364 44.68 61.02 5.93
N MET A 365 45.22 59.92 6.45
CA MET A 365 44.62 59.30 7.63
C MET A 365 44.70 60.25 8.82
N LEU A 366 43.65 60.24 9.64
CA LEU A 366 43.65 61.02 10.87
C LEU A 366 44.85 60.63 11.71
N PRO A 367 45.70 61.57 12.11
CA PRO A 367 46.93 61.22 12.84
C PRO A 367 46.61 60.53 14.17
N GLY A 368 47.13 59.32 14.33
CA GLY A 368 47.01 58.58 15.56
C GLY A 368 45.91 57.53 15.59
N TYR A 369 45.19 57.33 14.49
CA TYR A 369 44.10 56.35 14.51
C TYR A 369 44.66 54.94 14.46
N ARG A 370 44.08 54.07 15.28
CA ARG A 370 44.34 52.64 15.21
C ARG A 370 43.04 51.91 15.52
N ASP A 371 42.96 50.67 15.05
CA ASP A 371 41.77 49.85 15.25
C ASP A 371 41.59 49.53 16.73
N PRO A 372 40.39 49.73 17.29
CA PRO A 372 40.14 49.41 18.69
C PRO A 372 40.06 47.91 19.00
N TYR A 373 40.42 47.03 18.06
CA TYR A 373 40.30 45.60 18.29
C TYR A 373 41.64 44.89 18.12
N HIS A 374 42.28 44.99 16.96
CA HIS A 374 43.61 44.39 16.74
C HIS A 374 44.68 45.45 16.48
N GLY A 375 44.39 46.72 16.77
CA GLY A 375 45.40 47.75 16.76
C GLY A 375 45.97 48.12 15.40
N ARG A 376 45.22 47.90 14.33
CA ARG A 376 45.78 48.26 13.03
C ARG A 376 45.32 49.66 12.62
N PRO A 377 46.13 50.38 11.84
CA PRO A 377 45.69 51.67 11.32
C PRO A 377 44.58 51.51 10.29
N LEU A 378 44.21 52.61 9.63
CA LEU A 378 43.14 52.56 8.63
C LEU A 378 43.55 51.67 7.47
N THR A 379 42.61 50.86 6.99
CA THR A 379 42.86 49.87 5.95
C THR A 379 42.38 50.40 4.59
N LYS A 380 42.88 49.75 3.53
CA LYS A 380 42.48 50.14 2.18
C LYS A 380 41.01 49.85 1.91
N GLY A 381 40.47 48.77 2.50
CA GLY A 381 39.05 48.51 2.37
C GLY A 381 38.20 49.59 3.03
N GLU A 382 38.61 50.02 4.22
CA GLU A 382 37.92 51.11 4.91
C GLU A 382 38.12 52.45 4.21
N LEU A 383 39.03 52.52 3.24
CA LEU A 383 39.23 53.75 2.47
C LEU A 383 38.14 53.91 1.40
N GLY A 384 38.03 52.94 0.50
CA GLY A 384 37.06 53.02 -0.57
C GLY A 384 35.63 53.00 -0.09
N CYS A 385 35.37 52.37 1.06
CA CYS A 385 34.02 52.36 1.59
C CYS A 385 33.59 53.75 2.06
N PHE A 386 34.51 54.48 2.68
CA PHE A 386 34.23 55.88 3.03
C PHE A 386 33.99 56.70 1.76
N LEU A 387 34.75 56.44 0.71
CA LEU A 387 34.60 57.21 -0.53
C LEU A 387 33.26 56.93 -1.20
N SER A 388 32.78 55.69 -1.11
CA SER A 388 31.48 55.37 -1.69
C SER A 388 30.36 56.12 -0.97
N HIS A 389 30.40 56.15 0.36
CA HIS A 389 29.49 56.99 1.11
C HIS A 389 29.76 58.47 0.86
N TYR A 390 31.03 58.83 0.71
CA TYR A 390 31.37 60.23 0.42
C TYR A 390 30.79 60.67 -0.90
N ASN A 391 30.83 59.81 -1.92
CA ASN A 391 30.27 60.16 -3.22
C ASN A 391 28.76 60.27 -3.17
N ILE A 392 28.11 59.48 -2.30
CA ILE A 392 26.65 59.57 -2.18
C ILE A 392 26.25 60.84 -1.45
N TRP A 393 27.01 61.22 -0.42
CA TRP A 393 26.77 62.50 0.25
C TRP A 393 26.84 63.65 -0.74
N LYS A 394 27.72 63.55 -1.75
CA LYS A 394 27.82 64.60 -2.76
C LYS A 394 26.60 64.61 -3.67
N GLU A 395 26.15 63.43 -4.10
CA GLU A 395 25.00 63.38 -4.99
C GLU A 395 23.74 63.90 -4.32
N VAL A 396 23.62 63.71 -3.00
CA VAL A 396 22.47 64.25 -2.27
C VAL A 396 22.46 65.77 -2.36
N VAL A 397 23.59 66.41 -2.04
CA VAL A 397 23.66 67.87 -2.15
C VAL A 397 23.56 68.31 -3.60
N ASP A 398 24.11 67.52 -4.52
CA ASP A 398 24.05 67.88 -5.94
C ASP A 398 22.61 67.85 -6.45
N ARG A 399 21.90 66.74 -6.20
CA ARG A 399 20.51 66.63 -6.62
C ARG A 399 19.54 67.30 -5.66
N GLY A 400 20.02 67.77 -4.50
CA GLY A 400 19.14 68.39 -3.53
C GLY A 400 18.12 67.45 -2.92
N LEU A 401 18.52 66.21 -2.64
CA LEU A 401 17.60 65.21 -2.11
C LEU A 401 17.30 65.51 -0.64
N GLN A 402 16.03 65.84 -0.35
CA GLN A 402 15.64 66.19 1.01
C GLN A 402 15.85 65.02 1.96
N LYS A 403 15.25 63.87 1.66
CA LYS A 403 15.41 62.66 2.47
C LYS A 403 15.77 61.49 1.57
N SER A 404 16.84 60.77 1.94
CA SER A 404 17.33 59.65 1.16
C SER A 404 17.65 58.48 2.09
N LEU A 405 17.41 57.28 1.60
CA LEU A 405 17.77 56.04 2.29
C LEU A 405 18.98 55.43 1.59
N VAL A 406 19.97 55.02 2.38
CA VAL A 406 21.22 54.48 1.85
C VAL A 406 21.37 53.05 2.34
N PHE A 407 21.57 52.13 1.40
CA PHE A 407 21.70 50.70 1.69
C PHE A 407 23.13 50.23 1.45
N GLU A 408 23.42 49.05 1.98
CA GLU A 408 24.64 48.32 1.62
C GLU A 408 24.24 46.98 1.02
N ASP A 409 25.12 45.99 1.05
CA ASP A 409 24.89 44.75 0.32
C ASP A 409 24.98 43.50 1.20
N ASP A 410 24.93 43.63 2.52
CA ASP A 410 24.91 42.48 3.43
C ASP A 410 23.96 42.82 4.60
N LEU A 411 22.68 42.89 4.29
CA LEU A 411 21.67 43.33 5.24
C LEU A 411 20.61 42.28 5.43
N ARG A 412 20.08 42.20 6.65
CA ARG A 412 18.96 41.33 7.00
C ARG A 412 17.77 42.21 7.36
N PHE A 413 16.72 42.15 6.55
CA PHE A 413 15.56 43.01 6.74
C PHE A 413 14.64 42.45 7.81
N GLU A 414 14.21 43.30 8.74
CA GLU A 414 13.26 42.91 9.77
C GLU A 414 11.88 42.71 9.17
N ILE A 415 11.00 42.04 9.93
CA ILE A 415 9.64 41.81 9.47
C ILE A 415 8.88 43.12 9.44
N PHE A 416 8.06 43.30 8.40
CA PHE A 416 7.29 44.53 8.20
C PHE A 416 8.20 45.74 8.05
N PHE A 417 9.32 45.56 7.35
CA PHE A 417 10.30 46.63 7.20
C PHE A 417 9.69 47.85 6.54
N LYS A 418 9.04 47.66 5.40
CA LYS A 418 8.57 48.80 4.60
C LYS A 418 7.59 49.65 5.37
N ARG A 419 6.60 49.03 6.01
CA ARG A 419 5.59 49.80 6.73
C ARG A 419 6.16 50.43 7.98
N ARG A 420 7.00 49.70 8.72
CA ARG A 420 7.54 50.25 9.97
C ARG A 420 8.45 51.44 9.70
N LEU A 421 9.22 51.40 8.61
CA LEU A 421 10.12 52.51 8.29
C LEU A 421 9.33 53.71 7.78
N MET A 422 8.33 53.47 6.92
CA MET A 422 7.52 54.58 6.43
C MET A 422 6.72 55.22 7.55
N ASN A 423 6.20 54.41 8.48
CA ASN A 423 5.48 54.96 9.62
C ASN A 423 6.39 55.86 10.47
N LEU A 424 7.66 55.48 10.60
CA LEU A 424 8.60 56.30 11.36
C LEU A 424 8.83 57.65 10.67
N MET A 425 9.20 57.62 9.39
CA MET A 425 9.43 58.88 8.68
C MET A 425 8.17 59.74 8.66
N ARG A 426 7.00 59.12 8.64
CA ARG A 426 5.76 59.89 8.69
C ARG A 426 5.55 60.48 10.08
N ASP A 427 5.88 59.73 11.14
CA ASP A 427 5.85 60.29 12.48
C ASP A 427 6.88 61.39 12.65
N VAL A 428 8.01 61.30 11.93
CA VAL A 428 9.04 62.33 12.03
C VAL A 428 8.61 63.62 11.34
N GLU A 429 8.17 63.51 10.08
CA GLU A 429 7.84 64.71 9.32
C GLU A 429 6.59 65.40 9.86
N ARG A 430 5.62 64.63 10.37
CA ARG A 430 4.46 65.22 11.03
C ARG A 430 4.82 65.90 12.34
N GLU A 431 6.02 65.64 12.88
CA GLU A 431 6.48 66.27 14.11
C GLU A 431 7.51 67.36 13.89
N GLY A 432 8.06 67.50 12.69
CA GLY A 432 9.00 68.56 12.38
C GLY A 432 10.28 68.52 13.19
N LEU A 433 10.89 67.33 13.27
CA LEU A 433 12.12 67.17 14.02
C LEU A 433 13.31 67.62 13.18
N ASP A 434 14.21 68.38 13.80
CA ASP A 434 15.46 68.77 13.14
C ASP A 434 16.38 67.57 13.18
N TRP A 435 16.28 66.71 12.17
CA TRP A 435 17.09 65.50 12.09
C TRP A 435 18.05 65.58 10.91
N ASP A 436 19.21 64.96 11.09
CA ASP A 436 20.23 64.88 10.05
C ASP A 436 20.58 63.45 9.68
N LEU A 437 20.58 62.53 10.65
CA LEU A 437 20.93 61.14 10.41
C LEU A 437 20.03 60.24 11.23
N ILE A 438 19.54 59.16 10.62
CA ILE A 438 18.70 58.19 11.30
C ILE A 438 19.22 56.80 10.95
N TYR A 439 19.84 56.13 11.92
CA TYR A 439 20.30 54.77 11.70
C TYR A 439 19.11 53.83 11.54
N VAL A 440 19.25 52.86 10.65
CA VAL A 440 18.27 51.80 10.47
C VAL A 440 18.95 50.48 10.80
N GLY A 441 20.25 50.42 10.56
CA GLY A 441 21.09 49.31 10.96
C GLY A 441 22.39 49.81 11.54
N ARG A 442 22.77 49.31 12.72
CA ARG A 442 23.96 49.78 13.41
C ARG A 442 24.25 48.82 14.56
N LYS A 443 25.38 49.06 15.23
CA LYS A 443 25.73 48.34 16.46
C LYS A 443 25.69 49.34 17.60
N ARG A 444 24.75 49.14 18.53
CA ARG A 444 24.59 50.02 19.67
C ARG A 444 25.64 49.69 20.72
N MET A 445 26.52 50.67 21.00
CA MET A 445 27.59 50.47 21.97
C MET A 445 27.19 50.85 23.39
N GLN A 446 26.21 51.74 23.55
CA GLN A 446 25.68 52.06 24.88
C GLN A 446 24.61 51.03 25.22
N VAL A 447 24.99 50.03 26.02
CA VAL A 447 24.09 48.94 26.38
C VAL A 447 23.78 48.88 27.86
N GLU A 448 24.45 49.67 28.71
CA GLU A 448 24.11 49.71 30.13
C GLU A 448 22.69 50.24 30.29
N HIS A 449 22.48 51.50 29.94
CA HIS A 449 21.17 52.13 30.02
C HIS A 449 20.62 52.40 28.63
N PRO A 450 19.30 52.32 28.46
CA PRO A 450 18.71 52.66 27.16
C PRO A 450 18.99 54.11 26.79
N GLU A 451 19.05 54.36 25.48
CA GLU A 451 19.40 55.67 24.96
C GLU A 451 18.20 56.61 25.04
N LYS A 452 18.49 57.91 25.02
CA LYS A 452 17.45 58.92 25.27
C LYS A 452 16.43 58.92 24.13
N ALA A 453 15.17 58.70 24.48
CA ALA A 453 14.11 58.67 23.48
C ALA A 453 13.79 60.08 23.00
N VAL A 454 13.18 60.14 21.82
CA VAL A 454 12.76 61.39 21.20
C VAL A 454 11.28 61.60 21.50
N PRO A 455 10.90 62.62 22.27
CA PRO A 455 9.48 62.79 22.61
C PRO A 455 8.62 62.97 21.38
N ARG A 456 7.39 62.45 21.46
CA ARG A 456 6.33 62.57 20.48
C ARG A 456 6.60 61.80 19.18
N VAL A 457 7.70 61.05 19.09
CA VAL A 457 8.01 60.24 17.92
C VAL A 457 8.32 58.83 18.40
N ARG A 458 7.38 57.91 18.18
CA ARG A 458 7.53 56.56 18.68
C ARG A 458 8.64 55.81 17.92
N ASN A 459 9.30 54.90 18.64
CA ASN A 459 10.32 54.01 18.07
C ASN A 459 11.53 54.77 17.54
N LEU A 460 11.79 55.96 18.07
CA LEU A 460 12.96 56.74 17.67
C LEU A 460 13.72 57.18 18.92
N VAL A 461 15.05 57.02 18.87
CA VAL A 461 15.91 57.39 19.99
C VAL A 461 17.09 58.21 19.47
N GLU A 462 17.67 59.00 20.37
CA GLU A 462 18.87 59.76 20.04
C GLU A 462 20.08 58.82 19.98
N ALA A 463 20.79 58.86 18.87
CA ALA A 463 21.88 57.91 18.63
C ALA A 463 23.06 58.22 19.55
N ASP A 464 23.39 57.28 20.43
CA ASP A 464 24.62 57.36 21.22
C ASP A 464 25.76 56.74 20.42
N TYR A 465 26.75 56.18 21.10
CA TYR A 465 27.87 55.60 20.39
C TYR A 465 27.43 54.42 19.53
N SER A 466 27.55 54.56 18.22
CA SER A 466 27.22 53.51 17.28
C SER A 466 28.47 53.12 16.49
N TYR A 467 28.39 52.01 15.76
CA TYR A 467 29.61 51.49 15.15
C TYR A 467 29.43 50.86 13.77
N TRP A 468 28.30 51.01 13.10
CA TRP A 468 28.11 50.43 11.78
C TRP A 468 27.53 51.46 10.82
N THR A 469 27.43 51.06 9.55
CA THR A 469 26.80 51.86 8.51
C THR A 469 25.99 50.97 7.58
N LEU A 470 25.29 50.00 8.15
CA LEU A 470 24.51 49.06 7.34
C LEU A 470 23.49 49.77 6.48
N ALA A 471 22.68 50.63 7.08
CA ALA A 471 21.68 51.40 6.36
C ALA A 471 21.24 52.56 7.24
N TYR A 472 20.96 53.71 6.61
CA TYR A 472 20.61 54.90 7.37
C TYR A 472 19.85 55.87 6.46
N VAL A 473 19.08 56.75 7.09
CA VAL A 473 18.41 57.85 6.41
C VAL A 473 19.23 59.11 6.64
N ILE A 474 19.36 59.94 5.60
CA ILE A 474 20.19 61.13 5.65
C ILE A 474 19.44 62.27 4.97
N SER A 475 19.44 63.43 5.61
CA SER A 475 18.77 64.61 5.09
C SER A 475 19.76 65.51 4.35
N LEU A 476 19.21 66.51 3.65
CA LEU A 476 20.04 67.45 2.93
C LEU A 476 20.85 68.32 3.89
N GLN A 477 20.22 68.77 4.98
CA GLN A 477 20.95 69.53 6.00
C GLN A 477 22.09 68.71 6.58
N GLY A 478 21.86 67.42 6.81
CA GLY A 478 22.91 66.56 7.33
C GLY A 478 23.97 66.21 6.30
N ALA A 479 23.55 66.10 5.04
CA ALA A 479 24.53 65.83 3.98
C ALA A 479 25.50 66.99 3.82
N ARG A 480 25.07 68.21 4.13
CA ARG A 480 25.98 69.35 4.10
C ARG A 480 26.92 69.34 5.29
N LYS A 481 26.40 68.98 6.47
CA LYS A 481 27.20 69.04 7.69
C LYS A 481 28.42 68.13 7.62
N LEU A 482 28.26 66.94 7.03
CA LEU A 482 29.39 66.01 6.92
C LEU A 482 30.48 66.57 6.01
N LEU A 483 30.08 67.10 4.85
CA LEU A 483 31.05 67.64 3.91
C LEU A 483 31.70 68.92 4.41
N ALA A 484 31.02 69.66 5.30
CA ALA A 484 31.59 70.89 5.84
C ALA A 484 32.78 70.60 6.74
N ALA A 485 32.78 69.45 7.43
CA ALA A 485 33.93 69.06 8.24
C ALA A 485 35.16 68.77 7.40
N GLU A 486 34.98 68.50 6.10
CA GLU A 486 36.07 68.22 5.16
C GLU A 486 36.92 67.07 5.70
N PRO A 487 36.42 65.84 5.65
CA PRO A 487 37.08 64.72 6.34
C PRO A 487 38.18 64.02 5.54
N LEU A 488 38.42 64.40 4.29
CA LEU A 488 39.42 63.70 3.48
C LEU A 488 40.82 63.89 4.02
N SER A 489 41.08 65.00 4.72
CA SER A 489 42.41 65.25 5.27
C SER A 489 42.64 64.55 6.60
N LYS A 490 41.57 64.05 7.25
CA LYS A 490 41.66 63.43 8.57
C LYS A 490 40.66 62.26 8.60
N MET A 491 41.02 61.18 7.90
CA MET A 491 40.08 60.11 7.62
C MET A 491 40.13 59.02 8.69
N LEU A 492 38.95 58.67 9.22
CA LEU A 492 38.71 57.51 10.06
C LEU A 492 37.86 56.55 9.23
N PRO A 493 37.51 55.37 9.75
CA PRO A 493 36.44 54.59 9.11
C PRO A 493 35.13 55.35 9.21
N VAL A 494 34.25 55.12 8.22
CA VAL A 494 33.02 55.91 8.14
C VAL A 494 32.10 55.62 9.32
N ASP A 495 32.18 54.44 9.92
CA ASP A 495 31.38 54.12 11.09
C ASP A 495 31.92 54.76 12.36
N GLU A 496 33.14 55.30 12.33
CA GLU A 496 33.67 56.10 13.44
C GLU A 496 33.61 57.59 13.17
N PHE A 497 33.53 58.00 11.90
CA PHE A 497 33.44 59.42 11.58
C PHE A 497 32.09 60.00 11.99
N LEU A 498 31.02 59.24 11.81
CA LEU A 498 29.70 59.72 12.20
C LEU A 498 29.57 59.92 13.70
N PRO A 499 29.97 58.99 14.57
CA PRO A 499 29.92 59.27 16.02
C PRO A 499 30.80 60.45 16.43
N VAL A 500 31.80 60.82 15.64
CA VAL A 500 32.51 62.05 15.92
C VAL A 500 31.62 63.26 15.62
N MET A 501 30.87 63.21 14.52
CA MET A 501 30.07 64.35 14.11
C MET A 501 28.84 64.58 14.99
N PHE A 502 28.32 63.54 15.65
CA PHE A 502 27.31 63.76 16.69
C PHE A 502 27.89 63.56 18.09
N ASP A 503 29.22 63.59 18.21
CA ASP A 503 29.92 63.83 19.48
C ASP A 503 29.63 62.73 20.51
N LYS A 504 29.74 61.47 20.06
CA LYS A 504 29.64 60.33 20.96
C LYS A 504 30.85 59.41 20.88
N HIS A 505 31.86 59.76 20.10
CA HIS A 505 33.08 58.97 20.04
C HIS A 505 33.82 59.08 21.36
N PRO A 506 34.09 57.98 22.07
CA PRO A 506 34.73 58.09 23.39
C PRO A 506 36.16 58.60 23.35
N VAL A 507 36.80 58.64 22.18
CA VAL A 507 38.17 59.13 22.05
C VAL A 507 38.12 60.63 21.78
N SER A 508 38.51 61.41 22.78
CA SER A 508 38.59 62.86 22.60
C SER A 508 39.77 63.27 21.72
N GLU A 509 40.72 62.37 21.48
CA GLU A 509 41.80 62.66 20.54
C GLU A 509 41.29 62.73 19.12
N TYR A 510 40.29 61.90 18.77
CA TYR A 510 39.73 61.92 17.44
C TYR A 510 38.78 63.10 17.26
N LYS A 511 37.89 63.31 18.23
CA LYS A 511 36.92 64.41 18.13
C LYS A 511 37.62 65.76 18.10
N ALA A 512 38.82 65.85 18.69
CA ALA A 512 39.54 67.12 18.71
C ALA A 512 39.97 67.57 17.32
N HIS A 513 39.95 66.67 16.33
CA HIS A 513 40.33 67.02 14.97
C HIS A 513 39.20 67.67 14.17
N PHE A 514 37.96 67.63 14.67
CA PHE A 514 36.81 68.14 13.95
C PHE A 514 36.16 69.24 14.77
N SER A 515 36.22 70.48 14.26
CA SER A 515 35.89 71.65 15.06
C SER A 515 34.40 71.78 15.33
N LEU A 516 33.55 71.34 14.40
CA LEU A 516 32.11 71.48 14.55
C LEU A 516 31.47 70.10 14.46
N ARG A 517 31.05 69.57 15.60
CA ARG A 517 30.41 68.27 15.69
C ARG A 517 28.95 68.48 16.07
N ASN A 518 28.20 69.08 15.14
CA ASN A 518 26.84 69.55 15.37
C ASN A 518 25.78 68.64 14.75
N LEU A 519 26.15 67.43 14.37
CA LEU A 519 25.20 66.55 13.69
C LEU A 519 24.13 66.06 14.66
N HIS A 520 22.89 66.02 14.18
CA HIS A 520 21.75 65.54 14.96
C HIS A 520 21.37 64.17 14.42
N ALA A 521 21.81 63.12 15.11
CA ALA A 521 21.66 61.75 14.63
C ALA A 521 20.71 60.96 15.53
N PHE A 522 19.95 60.06 14.91
CA PHE A 522 18.95 59.25 15.58
C PHE A 522 19.07 57.81 15.11
N SER A 523 18.16 56.97 15.59
CA SER A 523 18.13 55.57 15.19
C SER A 523 16.76 54.99 15.48
N VAL A 524 16.36 54.02 14.64
CA VAL A 524 15.12 53.30 14.88
C VAL A 524 15.31 52.38 16.08
N GLU A 525 14.28 52.29 16.91
CA GLU A 525 14.32 51.44 18.10
C GLU A 525 13.06 50.57 18.13
N PRO A 526 13.18 49.25 17.95
CA PRO A 526 14.43 48.50 17.70
C PRO A 526 14.93 48.69 16.27
N LEU A 527 16.05 48.04 15.94
CA LEU A 527 16.60 48.16 14.60
C LEU A 527 15.75 47.40 13.59
N LEU A 528 15.69 47.93 12.38
CA LEU A 528 15.00 47.27 11.29
C LEU A 528 15.93 46.49 10.37
N ILE A 529 17.25 46.65 10.53
CA ILE A 529 18.22 45.99 9.68
C ILE A 529 19.38 45.48 10.53
N TYR A 530 19.83 44.27 10.24
CA TYR A 530 20.96 43.62 10.88
C TYR A 530 21.85 43.03 9.81
N PRO A 531 23.10 42.69 10.13
CA PRO A 531 23.97 42.06 9.13
C PRO A 531 23.55 40.64 8.82
N THR A 532 24.02 40.16 7.65
CA THR A 532 23.73 38.78 7.26
C THR A 532 24.44 37.79 8.16
N HIS A 533 25.72 38.05 8.46
CA HIS A 533 26.50 37.21 9.35
C HIS A 533 27.00 38.07 10.51
N TYR A 534 26.54 37.76 11.72
CA TYR A 534 26.88 38.56 12.89
C TYR A 534 28.36 38.39 13.25
N ARG B 15 13.67 8.70 24.67
CA ARG B 15 12.63 7.88 25.31
C ARG B 15 12.19 6.79 24.36
N TRP B 16 12.30 5.54 24.80
CA TRP B 16 11.83 4.43 23.99
C TRP B 16 10.33 4.31 24.07
N SER B 17 9.70 4.08 22.92
CA SER B 17 8.26 3.90 22.84
C SER B 17 7.96 2.85 21.77
N PRO B 18 7.28 1.77 22.12
CA PRO B 18 7.05 0.69 21.15
C PRO B 18 6.03 1.09 20.09
N GLU B 19 6.36 0.85 18.83
CA GLU B 19 5.39 1.02 17.76
C GLU B 19 4.41 -0.14 17.75
N SER B 20 3.15 0.16 17.42
CA SER B 20 2.14 -0.89 17.34
C SER B 20 2.46 -1.78 16.15
N PRO B 21 1.80 -2.94 16.03
CA PRO B 21 2.08 -3.81 14.88
C PRO B 21 1.57 -3.20 13.59
N LEU B 22 2.22 -3.58 12.49
CA LEU B 22 1.73 -3.20 11.17
C LEU B 22 0.44 -3.96 10.87
N GLN B 23 -0.48 -3.30 10.18
CA GLN B 23 -1.65 -4.00 9.70
C GLN B 23 -1.26 -4.99 8.60
N ALA B 24 -2.11 -5.99 8.39
CA ALA B 24 -1.82 -7.00 7.38
C ALA B 24 -1.75 -6.37 6.00
N PRO B 25 -1.04 -7.02 5.06
CA PRO B 25 -1.01 -6.51 3.69
C PRO B 25 -2.40 -6.37 3.09
N ARG B 26 -2.51 -5.49 2.10
CA ARG B 26 -3.79 -5.20 1.45
C ARG B 26 -3.90 -6.02 0.18
N VAL B 27 -4.83 -6.98 0.18
CA VAL B 27 -4.99 -7.96 -0.88
C VAL B 27 -6.28 -7.70 -1.63
N LEU B 28 -6.20 -7.63 -2.96
CA LEU B 28 -7.37 -7.67 -3.82
C LEU B 28 -7.54 -9.09 -4.33
N ILE B 29 -8.71 -9.67 -4.08
CA ILE B 29 -9.05 -11.00 -4.57
C ILE B 29 -9.89 -10.82 -5.83
N ALA B 30 -9.31 -11.13 -6.99
CA ALA B 30 -9.96 -10.97 -8.28
C ALA B 30 -10.56 -12.30 -8.70
N LEU B 31 -11.86 -12.30 -8.97
CA LEU B 31 -12.59 -13.53 -9.27
C LEU B 31 -13.34 -13.36 -10.59
N LEU B 32 -12.88 -14.07 -11.62
CA LEU B 32 -13.63 -14.18 -12.88
C LEU B 32 -14.48 -15.44 -12.84
N ALA B 33 -15.78 -15.28 -13.10
CA ALA B 33 -16.73 -16.39 -12.97
C ALA B 33 -17.56 -16.51 -14.24
N ARG B 34 -17.53 -17.69 -14.85
CA ARG B 34 -18.43 -18.05 -15.94
C ARG B 34 -18.86 -19.49 -15.74
N ASN B 35 -20.18 -19.71 -15.70
CA ASN B 35 -20.75 -21.04 -15.54
C ASN B 35 -20.16 -21.75 -14.33
N ALA B 36 -20.21 -21.07 -13.18
CA ALA B 36 -19.53 -21.54 -11.97
C ALA B 36 -20.49 -21.81 -10.82
N ALA B 37 -21.80 -21.75 -11.06
CA ALA B 37 -22.76 -21.96 -9.98
C ALA B 37 -22.57 -23.29 -9.29
N HIS B 38 -22.01 -24.29 -10.00
CA HIS B 38 -21.76 -25.57 -9.36
C HIS B 38 -20.70 -25.47 -8.28
N ALA B 39 -19.67 -24.65 -8.51
CA ALA B 39 -18.52 -24.59 -7.61
C ALA B 39 -18.59 -23.47 -6.58
N LEU B 40 -19.33 -22.40 -6.86
CA LEU B 40 -19.28 -21.22 -5.99
C LEU B 40 -19.63 -21.48 -4.53
N PRO B 41 -20.65 -22.26 -4.17
CA PRO B 41 -20.91 -22.48 -2.74
C PRO B 41 -19.68 -22.98 -1.98
N THR B 42 -19.01 -24.00 -2.53
CA THR B 42 -17.79 -24.49 -1.92
C THR B 42 -16.63 -23.53 -2.13
N THR B 43 -16.52 -22.97 -3.33
CA THR B 43 -15.40 -22.10 -3.66
C THR B 43 -15.45 -20.79 -2.87
N LEU B 44 -16.61 -20.14 -2.83
CA LEU B 44 -16.70 -18.85 -2.15
C LEU B 44 -16.65 -19.01 -0.64
N GLY B 45 -17.20 -20.11 -0.10
CA GLY B 45 -17.07 -20.36 1.32
C GLY B 45 -15.62 -20.47 1.74
N ALA B 46 -14.79 -21.11 0.92
CA ALA B 46 -13.37 -21.19 1.22
C ALA B 46 -12.73 -19.80 1.25
N LEU B 47 -13.14 -18.91 0.35
CA LEU B 47 -12.57 -17.57 0.30
C LEU B 47 -12.98 -16.75 1.52
N GLU B 48 -14.25 -16.87 1.95
CA GLU B 48 -14.70 -16.17 3.15
C GLU B 48 -13.81 -16.49 4.35
N ARG B 49 -13.49 -17.77 4.51
CA ARG B 49 -12.80 -18.24 5.70
C ARG B 49 -11.30 -18.19 5.57
N LEU B 50 -10.77 -17.47 4.57
CA LEU B 50 -9.35 -17.19 4.53
C LEU B 50 -8.94 -16.42 5.79
N ARG B 51 -7.84 -16.84 6.40
CA ARG B 51 -7.37 -16.17 7.61
C ARG B 51 -6.48 -15.01 7.18
N HIS B 52 -7.14 -13.95 6.70
CA HIS B 52 -6.54 -12.68 6.36
C HIS B 52 -7.61 -11.65 6.68
N PRO B 53 -7.25 -10.55 7.34
CA PRO B 53 -8.26 -9.57 7.76
C PRO B 53 -9.09 -9.06 6.60
N ARG B 54 -10.41 -9.18 6.73
CA ARG B 54 -11.30 -8.80 5.65
C ARG B 54 -11.27 -7.29 5.38
N GLU B 55 -10.95 -6.49 6.41
CA GLU B 55 -10.83 -5.06 6.17
C GLU B 55 -9.59 -4.71 5.39
N ARG B 56 -8.57 -5.58 5.41
CA ARG B 56 -7.41 -5.48 4.55
C ARG B 56 -7.57 -6.28 3.27
N THR B 57 -8.79 -6.71 2.96
CA THR B 57 -9.10 -7.46 1.75
C THR B 57 -10.15 -6.70 0.95
N ALA B 58 -10.00 -6.70 -0.37
CA ALA B 58 -11.00 -6.15 -1.27
C ALA B 58 -11.41 -7.22 -2.26
N LEU B 59 -12.60 -7.04 -2.83
CA LEU B 59 -13.19 -8.00 -3.74
C LEU B 59 -13.37 -7.37 -5.11
N TRP B 60 -12.98 -8.10 -6.15
CA TRP B 60 -13.19 -7.70 -7.53
C TRP B 60 -13.79 -8.90 -8.26
N VAL B 61 -15.00 -8.73 -8.77
CA VAL B 61 -15.78 -9.84 -9.34
C VAL B 61 -16.30 -9.43 -10.71
N ALA B 62 -16.13 -10.31 -11.69
CA ALA B 62 -16.64 -10.08 -13.03
C ALA B 62 -17.24 -11.39 -13.54
N THR B 63 -18.47 -11.31 -14.05
CA THR B 63 -19.16 -12.49 -14.57
C THR B 63 -19.93 -12.11 -15.83
N ASP B 64 -19.99 -13.05 -16.78
CA ASP B 64 -20.63 -12.82 -18.06
C ASP B 64 -20.67 -14.13 -18.82
N HIS B 65 -21.47 -14.16 -19.88
CA HIS B 65 -21.65 -15.34 -20.73
C HIS B 65 -22.07 -16.55 -19.90
N ASN B 66 -23.13 -16.37 -19.11
CA ASN B 66 -23.57 -17.39 -18.17
C ASN B 66 -24.78 -18.13 -18.73
N MET B 67 -24.71 -19.46 -18.69
CA MET B 67 -25.85 -20.32 -18.96
C MET B 67 -26.56 -20.77 -17.69
N ASP B 68 -25.83 -20.88 -16.58
CA ASP B 68 -26.44 -21.15 -15.29
C ASP B 68 -26.66 -19.84 -14.54
N ASN B 69 -27.19 -19.93 -13.33
CA ASN B 69 -27.45 -18.73 -12.54
C ASN B 69 -26.22 -18.33 -11.72
N THR B 70 -25.08 -18.24 -12.40
CA THR B 70 -23.84 -17.88 -11.72
C THR B 70 -23.91 -16.47 -11.15
N SER B 71 -24.39 -15.51 -11.95
CA SER B 71 -24.44 -14.13 -11.49
C SER B 71 -25.43 -13.95 -10.34
N THR B 72 -26.48 -14.76 -10.29
CA THR B 72 -27.42 -14.68 -9.17
C THR B 72 -26.76 -15.16 -7.89
N VAL B 73 -26.04 -16.27 -7.95
CA VAL B 73 -25.32 -16.78 -6.78
C VAL B 73 -24.30 -15.75 -6.30
N LEU B 74 -23.53 -15.20 -7.24
CA LEU B 74 -22.53 -14.19 -6.87
C LEU B 74 -23.19 -12.96 -6.26
N ARG B 75 -24.28 -12.49 -6.87
CA ARG B 75 -24.93 -11.28 -6.37
C ARG B 75 -25.41 -11.46 -4.93
N GLU B 76 -26.01 -12.61 -4.62
CA GLU B 76 -26.44 -12.87 -3.25
C GLU B 76 -25.26 -12.94 -2.29
N TRP B 77 -24.18 -13.62 -2.70
CA TRP B 77 -23.03 -13.75 -1.83
C TRP B 77 -22.35 -12.41 -1.58
N LEU B 78 -22.24 -11.59 -2.62
CA LEU B 78 -21.62 -10.28 -2.46
C LEU B 78 -22.42 -9.41 -1.51
N VAL B 79 -23.74 -9.37 -1.67
CA VAL B 79 -24.60 -8.60 -0.77
C VAL B 79 -24.37 -9.05 0.67
N ALA B 80 -24.20 -10.35 0.87
CA ALA B 80 -24.07 -10.88 2.23
C ALA B 80 -22.73 -10.52 2.85
N VAL B 81 -21.68 -10.35 2.05
CA VAL B 81 -20.34 -10.15 2.58
C VAL B 81 -19.80 -8.76 2.25
N LYS B 82 -20.62 -7.89 1.64
CA LYS B 82 -20.13 -6.61 1.16
C LYS B 82 -19.57 -5.75 2.30
N SER B 83 -20.30 -5.68 3.43
CA SER B 83 -19.91 -4.79 4.50
C SER B 83 -18.66 -5.26 5.24
N LEU B 84 -18.25 -6.51 5.06
CA LEU B 84 -17.08 -7.02 5.77
C LEU B 84 -15.76 -6.64 5.10
N TYR B 85 -15.79 -6.12 3.88
CA TYR B 85 -14.58 -5.95 3.09
C TYR B 85 -14.30 -4.47 2.84
N HIS B 86 -13.04 -4.18 2.53
CA HIS B 86 -12.61 -2.80 2.29
C HIS B 86 -13.36 -2.17 1.12
N SER B 87 -13.63 -2.95 0.08
CA SER B 87 -14.43 -2.50 -1.04
C SER B 87 -14.82 -3.72 -1.87
N VAL B 88 -15.78 -3.52 -2.75
CA VAL B 88 -16.28 -4.57 -3.63
C VAL B 88 -16.59 -3.95 -4.99
N GLU B 89 -16.02 -4.51 -6.06
CA GLU B 89 -16.35 -4.14 -7.41
C GLU B 89 -17.11 -5.28 -8.08
N TRP B 90 -18.12 -4.93 -8.88
CA TRP B 90 -19.09 -5.89 -9.38
C TRP B 90 -19.38 -5.58 -10.84
N ARG B 91 -18.98 -6.48 -11.74
CA ARG B 91 -19.08 -6.27 -13.18
C ARG B 91 -19.83 -7.43 -13.82
N PRO B 92 -21.15 -7.43 -13.78
CA PRO B 92 -21.93 -8.47 -14.45
C PRO B 92 -22.32 -8.09 -15.87
N ALA B 93 -22.67 -9.10 -16.65
CA ALA B 93 -23.12 -8.90 -18.02
C ALA B 93 -24.01 -10.08 -18.39
N GLU B 94 -25.33 -9.87 -18.32
CA GLU B 94 -26.27 -10.97 -18.48
C GLU B 94 -26.23 -11.54 -19.89
N GLU B 95 -26.34 -10.69 -20.89
CA GLU B 95 -26.35 -11.14 -22.27
C GLU B 95 -25.10 -10.65 -23.01
N PRO B 96 -24.63 -11.40 -24.01
CA PRO B 96 -25.10 -12.71 -24.49
C PRO B 96 -24.64 -13.83 -23.56
N ARG B 97 -25.34 -14.97 -23.57
CA ARG B 97 -24.96 -16.06 -22.69
C ARG B 97 -23.82 -16.91 -23.24
N SER B 98 -23.50 -16.76 -24.53
CA SER B 98 -22.40 -17.50 -25.13
C SER B 98 -21.75 -16.61 -26.19
N TYR B 99 -20.49 -16.94 -26.52
CA TYR B 99 -19.75 -16.12 -27.47
C TYR B 99 -20.20 -16.42 -28.90
N PRO B 100 -20.27 -15.39 -29.76
CA PRO B 100 -20.69 -15.62 -31.15
C PRO B 100 -19.71 -16.46 -31.96
N ASP B 101 -18.48 -16.64 -31.49
CA ASP B 101 -17.48 -17.41 -32.23
C ASP B 101 -17.09 -18.70 -31.52
N GLU B 102 -17.91 -19.14 -30.56
CA GLU B 102 -17.62 -20.33 -29.76
C GLU B 102 -18.36 -21.54 -30.32
N GLU B 103 -17.83 -22.72 -30.01
CA GLU B 103 -18.45 -23.98 -30.37
C GLU B 103 -19.18 -24.64 -29.20
N GLY B 104 -18.99 -24.12 -27.99
CA GLY B 104 -19.63 -24.64 -26.82
C GLY B 104 -19.16 -23.88 -25.60
N PRO B 105 -19.82 -24.12 -24.46
CA PRO B 105 -19.45 -23.38 -23.24
C PRO B 105 -18.02 -23.67 -22.76
N LYS B 106 -17.46 -24.83 -23.11
CA LYS B 106 -16.12 -25.20 -22.70
C LYS B 106 -15.09 -24.98 -23.80
N HIS B 107 -15.47 -24.32 -24.90
CA HIS B 107 -14.54 -24.00 -25.97
C HIS B 107 -13.89 -22.65 -25.70
N TRP B 108 -12.56 -22.61 -25.76
CA TRP B 108 -11.82 -21.36 -25.58
C TRP B 108 -11.54 -20.76 -26.95
N SER B 109 -12.51 -20.01 -27.45
CA SER B 109 -12.35 -19.29 -28.70
C SER B 109 -11.43 -18.08 -28.50
N ASP B 110 -11.16 -17.36 -29.58
CA ASP B 110 -10.30 -16.19 -29.49
C ASP B 110 -11.00 -15.04 -28.77
N SER B 111 -12.30 -14.85 -29.04
CA SER B 111 -13.03 -13.79 -28.36
C SER B 111 -13.14 -14.06 -26.86
N ARG B 112 -13.17 -15.33 -26.46
CA ARG B 112 -13.16 -15.66 -25.04
C ARG B 112 -11.77 -15.47 -24.43
N TYR B 113 -10.73 -15.81 -25.19
CA TYR B 113 -9.36 -15.55 -24.75
C TYR B 113 -9.14 -14.06 -24.57
N GLU B 114 -9.57 -13.25 -25.55
CA GLU B 114 -9.37 -11.82 -25.46
C GLU B 114 -10.13 -11.21 -24.29
N HIS B 115 -11.39 -11.64 -24.09
CA HIS B 115 -12.19 -11.06 -23.02
C HIS B 115 -11.61 -11.37 -21.65
N VAL B 116 -11.25 -12.63 -21.41
CA VAL B 116 -10.70 -13.01 -20.11
C VAL B 116 -9.37 -12.31 -19.87
N MET B 117 -8.56 -12.17 -20.92
CA MET B 117 -7.32 -11.40 -20.78
C MET B 117 -7.61 -9.96 -20.36
N LYS B 118 -8.52 -9.30 -21.10
CA LYS B 118 -8.90 -7.94 -20.75
C LYS B 118 -9.40 -7.85 -19.32
N LEU B 119 -10.19 -8.83 -18.87
CA LEU B 119 -10.74 -8.81 -17.53
C LEU B 119 -9.64 -8.87 -16.47
N ARG B 120 -8.75 -9.87 -16.56
CA ARG B 120 -7.65 -9.95 -15.61
C ARG B 120 -6.83 -8.67 -15.61
N GLN B 121 -6.65 -8.06 -16.78
CA GLN B 121 -5.98 -6.77 -16.85
C GLN B 121 -6.76 -5.70 -16.08
N ALA B 122 -8.08 -5.68 -16.24
CA ALA B 122 -8.90 -4.71 -15.52
C ALA B 122 -8.76 -4.89 -14.02
N ALA B 123 -8.79 -6.13 -13.54
CA ALA B 123 -8.57 -6.39 -12.13
C ALA B 123 -7.17 -5.97 -11.70
N LEU B 124 -6.17 -6.24 -12.54
CA LEU B 124 -4.81 -5.80 -12.25
C LEU B 124 -4.74 -4.29 -12.11
N LYS B 125 -5.34 -3.56 -13.06
CA LYS B 125 -5.38 -2.11 -12.96
C LYS B 125 -6.15 -1.66 -11.74
N SER B 126 -7.29 -2.30 -11.46
CA SER B 126 -8.10 -1.91 -10.31
C SER B 126 -7.30 -2.07 -9.01
N ALA B 127 -6.52 -3.14 -8.90
CA ALA B 127 -5.66 -3.30 -7.73
C ALA B 127 -4.62 -2.19 -7.65
N ARG B 128 -4.01 -1.84 -8.78
CA ARG B 128 -3.03 -0.75 -8.78
C ARG B 128 -3.65 0.56 -8.37
N ASP B 129 -4.86 0.86 -8.87
CA ASP B 129 -5.47 2.16 -8.59
C ASP B 129 -5.87 2.30 -7.13
N MET B 130 -6.27 1.20 -6.48
CA MET B 130 -6.68 1.23 -5.09
C MET B 130 -5.52 1.03 -4.12
N TRP B 131 -4.29 0.97 -4.63
CA TRP B 131 -3.07 0.96 -3.82
C TRP B 131 -2.98 -0.31 -2.96
N ALA B 132 -3.34 -1.45 -3.54
CA ALA B 132 -3.21 -2.71 -2.85
C ALA B 132 -1.77 -3.21 -2.91
N ASP B 133 -1.39 -3.97 -1.88
CA ASP B 133 -0.07 -4.62 -1.88
C ASP B 133 -0.03 -5.80 -2.83
N TYR B 134 -1.07 -6.64 -2.79
CA TYR B 134 -1.13 -7.86 -3.56
C TYR B 134 -2.47 -7.95 -4.29
N ILE B 135 -2.46 -8.68 -5.41
CA ILE B 135 -3.68 -9.12 -6.07
C ILE B 135 -3.64 -10.64 -6.15
N LEU B 136 -4.75 -11.27 -5.77
CA LEU B 136 -4.87 -12.72 -5.72
C LEU B 136 -5.96 -13.15 -6.69
N PHE B 137 -5.56 -13.85 -7.75
CA PHE B 137 -6.53 -14.43 -8.68
C PHE B 137 -6.90 -15.82 -8.20
N VAL B 138 -8.19 -16.08 -8.11
CA VAL B 138 -8.70 -17.41 -7.78
C VAL B 138 -9.74 -17.78 -8.84
N ASP B 139 -9.47 -18.83 -9.61
CA ASP B 139 -10.46 -19.32 -10.56
C ASP B 139 -11.70 -19.78 -9.83
N ALA B 140 -12.86 -19.56 -10.44
CA ALA B 140 -14.12 -19.79 -9.73
C ALA B 140 -14.28 -21.25 -9.30
N ASP B 141 -13.64 -22.18 -10.00
CA ASP B 141 -13.70 -23.59 -9.64
C ASP B 141 -12.49 -24.05 -8.84
N ASN B 142 -11.73 -23.13 -8.27
CA ASN B 142 -10.54 -23.45 -7.47
C ASN B 142 -10.87 -23.37 -5.99
N LEU B 143 -10.70 -24.49 -5.29
CA LEU B 143 -11.08 -24.61 -3.88
C LEU B 143 -9.85 -24.39 -3.02
N ILE B 144 -9.75 -23.21 -2.40
CA ILE B 144 -8.61 -22.87 -1.54
C ILE B 144 -8.93 -23.42 -0.15
N LEU B 145 -8.60 -24.69 0.07
CA LEU B 145 -9.04 -25.39 1.28
C LEU B 145 -8.30 -24.88 2.52
N ASN B 146 -6.99 -24.69 2.41
CA ASN B 146 -6.17 -24.21 3.51
C ASN B 146 -6.45 -22.73 3.77
N PRO B 147 -7.04 -22.37 4.92
CA PRO B 147 -7.34 -20.94 5.16
C PRO B 147 -6.10 -20.09 5.32
N ASP B 148 -4.92 -20.69 5.41
CA ASP B 148 -3.67 -19.95 5.57
C ASP B 148 -2.91 -19.79 4.26
N THR B 149 -3.50 -20.21 3.14
CA THR B 149 -2.78 -20.17 1.86
C THR B 149 -2.33 -18.76 1.52
N LEU B 150 -3.24 -17.78 1.66
CA LEU B 150 -2.89 -16.41 1.32
C LEU B 150 -1.75 -15.88 2.18
N SER B 151 -1.83 -16.13 3.49
CA SER B 151 -0.74 -15.73 4.37
C SER B 151 0.56 -16.41 4.00
N LEU B 152 0.49 -17.71 3.66
CA LEU B 152 1.69 -18.45 3.32
C LEU B 152 2.31 -17.95 2.02
N LEU B 153 1.48 -17.55 1.06
CA LEU B 153 2.02 -17.04 -0.20
C LEU B 153 2.68 -15.68 -0.01
N ILE B 154 2.11 -14.83 0.83
CA ILE B 154 2.74 -13.56 1.15
C ILE B 154 4.07 -13.79 1.86
N ALA B 155 4.17 -14.87 2.64
CA ALA B 155 5.37 -15.12 3.42
C ALA B 155 6.59 -15.41 2.54
N GLU B 156 6.39 -15.75 1.27
CA GLU B 156 7.50 -16.15 0.42
C GLU B 156 8.23 -14.96 -0.20
N ASN B 157 7.66 -13.77 -0.15
CA ASN B 157 8.25 -12.57 -0.72
C ASN B 157 8.70 -12.78 -2.16
N LYS B 158 7.79 -13.35 -2.96
CA LYS B 158 7.99 -13.46 -4.40
C LYS B 158 7.10 -12.45 -5.11
N THR B 159 7.41 -12.21 -6.39
CA THR B 159 6.63 -11.24 -7.14
C THR B 159 5.41 -11.88 -7.81
N VAL B 160 5.57 -13.08 -8.35
CA VAL B 160 4.46 -13.91 -8.80
C VAL B 160 4.66 -15.29 -8.21
N VAL B 161 3.80 -15.67 -7.28
CA VAL B 161 3.87 -16.98 -6.65
C VAL B 161 2.50 -17.65 -6.76
N ALA B 162 2.52 -18.98 -6.85
CA ALA B 162 1.30 -19.76 -7.00
C ALA B 162 1.34 -20.97 -6.08
N PRO B 163 0.24 -21.27 -5.38
CA PRO B 163 0.20 -22.46 -4.53
C PRO B 163 -0.16 -23.70 -5.32
N MET B 164 0.65 -24.76 -5.26
CA MET B 164 0.37 -25.95 -6.07
C MET B 164 -0.93 -26.60 -5.59
N LEU B 165 -1.96 -26.57 -6.45
CA LEU B 165 -3.23 -27.18 -6.13
C LEU B 165 -3.26 -28.60 -6.66
N ASP B 166 -3.91 -29.49 -5.90
CA ASP B 166 -3.97 -30.90 -6.26
C ASP B 166 -5.16 -31.17 -7.17
N SER B 167 -4.96 -32.04 -8.14
CA SER B 167 -6.02 -32.51 -9.03
C SER B 167 -6.14 -34.03 -8.91
N ARG B 168 -7.11 -34.59 -9.62
CA ARG B 168 -7.24 -36.04 -9.63
C ARG B 168 -6.11 -36.72 -10.39
N ALA B 169 -5.39 -35.98 -11.23
CA ALA B 169 -4.31 -36.54 -12.03
C ALA B 169 -3.02 -35.76 -11.87
N ALA B 170 -2.05 -35.98 -12.75
CA ALA B 170 -0.79 -35.24 -12.71
C ALA B 170 -0.97 -33.76 -12.99
N TYR B 171 -2.12 -33.35 -13.53
CA TYR B 171 -2.35 -31.96 -13.85
C TYR B 171 -2.30 -31.11 -12.59
N SER B 172 -1.70 -29.92 -12.72
CA SER B 172 -1.73 -28.92 -11.66
C SER B 172 -1.62 -27.56 -12.33
N ASN B 173 -1.64 -26.50 -11.53
CA ASN B 173 -1.62 -25.13 -12.04
C ASN B 173 -0.21 -24.62 -12.28
N PHE B 174 0.67 -25.43 -12.86
CA PHE B 174 2.01 -24.98 -13.19
C PHE B 174 2.61 -25.91 -14.24
N TRP B 175 3.46 -25.34 -15.09
CA TRP B 175 4.28 -26.12 -16.01
C TRP B 175 5.71 -26.13 -15.51
N CYS B 176 6.42 -27.22 -15.80
CA CYS B 176 7.82 -27.30 -15.43
C CYS B 176 8.77 -27.00 -16.59
N GLY B 177 8.31 -27.11 -17.83
CA GLY B 177 9.12 -26.75 -18.98
C GLY B 177 8.28 -26.08 -20.04
N MET B 178 8.96 -25.24 -20.83
CA MET B 178 8.35 -24.57 -21.97
C MET B 178 9.22 -24.81 -23.20
N THR B 179 8.61 -24.65 -24.38
CA THR B 179 9.17 -25.13 -25.63
C THR B 179 9.80 -24.03 -26.48
N SER B 180 9.95 -22.82 -25.93
CA SER B 180 10.50 -21.68 -26.67
C SER B 180 9.55 -21.29 -27.80
N GLN B 181 8.46 -22.04 -27.93
CA GLN B 181 7.32 -21.64 -28.75
C GLN B 181 6.07 -21.36 -27.93
N GLY B 182 6.06 -21.71 -26.64
CA GLY B 182 4.93 -21.48 -25.75
C GLY B 182 4.17 -22.73 -25.36
N TYR B 183 4.52 -23.89 -25.90
CA TYR B 183 3.76 -25.09 -25.66
C TYR B 183 4.23 -25.80 -24.39
N TYR B 184 3.36 -26.66 -23.86
CA TYR B 184 3.68 -27.41 -22.66
C TYR B 184 4.85 -28.35 -22.92
N LYS B 185 5.59 -28.68 -21.86
CA LYS B 185 6.79 -29.49 -21.98
C LYS B 185 7.06 -30.21 -20.68
N ARG B 186 7.08 -31.53 -20.71
CA ARG B 186 7.44 -32.31 -19.54
C ARG B 186 8.94 -32.20 -19.28
N THR B 187 9.29 -32.10 -18.00
CA THR B 187 10.67 -32.15 -17.55
C THR B 187 10.74 -33.13 -16.38
N PRO B 188 11.91 -33.74 -16.15
CA PRO B 188 12.00 -34.77 -15.10
C PRO B 188 11.55 -34.31 -13.72
N ALA B 189 11.59 -33.01 -13.43
CA ALA B 189 11.31 -32.50 -12.11
C ALA B 189 9.83 -32.28 -11.82
N TYR B 190 8.95 -32.49 -12.81
CA TYR B 190 7.54 -32.21 -12.59
C TYR B 190 6.92 -33.20 -11.61
N ILE B 191 7.05 -34.51 -11.90
CA ILE B 191 6.46 -35.52 -11.03
C ILE B 191 6.97 -35.41 -9.60
N PRO B 192 8.25 -35.16 -9.33
CA PRO B 192 8.66 -34.94 -7.93
C PRO B 192 7.96 -33.77 -7.26
N ILE B 193 7.89 -32.62 -7.94
CA ILE B 193 7.17 -31.47 -7.38
C ILE B 193 5.70 -31.79 -7.22
N ARG B 194 5.10 -32.44 -8.23
CA ARG B 194 3.67 -32.73 -8.19
C ARG B 194 3.32 -33.62 -7.01
N LYS B 195 4.20 -34.57 -6.67
CA LYS B 195 3.94 -35.52 -5.59
C LYS B 195 4.49 -35.04 -4.25
N ARG B 196 4.97 -33.80 -4.16
CA ARG B 196 5.51 -33.21 -2.95
C ARG B 196 6.67 -34.02 -2.36
N ASP B 197 7.35 -34.82 -3.19
CA ASP B 197 8.59 -35.43 -2.74
C ASP B 197 9.67 -34.38 -2.54
N ARG B 198 9.73 -33.39 -3.44
CA ARG B 198 10.54 -32.20 -3.25
C ARG B 198 9.61 -31.07 -2.83
N ARG B 199 9.81 -30.56 -1.61
CA ARG B 199 9.05 -29.43 -1.11
C ARG B 199 9.83 -28.13 -1.28
N GLY B 200 9.12 -27.02 -1.21
CA GLY B 200 9.72 -25.70 -1.31
C GLY B 200 8.98 -24.87 -2.32
N CYS B 201 9.66 -23.83 -2.81
CA CYS B 201 9.15 -22.99 -3.89
C CYS B 201 10.15 -23.03 -5.03
N PHE B 202 9.66 -23.32 -6.23
CA PHE B 202 10.53 -23.59 -7.37
C PHE B 202 10.28 -22.59 -8.48
N ALA B 203 11.35 -22.19 -9.16
CA ALA B 203 11.24 -21.33 -10.32
C ALA B 203 10.68 -22.13 -11.49
N VAL B 204 9.56 -21.67 -12.05
CA VAL B 204 8.93 -22.36 -13.17
C VAL B 204 8.56 -21.33 -14.23
N PRO B 205 8.45 -21.76 -15.48
CA PRO B 205 8.09 -20.83 -16.56
C PRO B 205 6.59 -20.57 -16.69
N MET B 206 5.74 -21.23 -15.91
CA MET B 206 4.30 -21.06 -16.08
C MET B 206 3.57 -21.40 -14.78
N VAL B 207 2.71 -20.47 -14.35
CA VAL B 207 1.71 -20.74 -13.30
C VAL B 207 0.41 -20.10 -13.76
N HIS B 208 -0.71 -20.66 -13.31
CA HIS B 208 -2.02 -20.17 -13.69
C HIS B 208 -3.03 -20.55 -12.61
N SER B 209 -4.30 -20.20 -12.86
CA SER B 209 -5.46 -20.60 -12.07
C SER B 209 -5.58 -19.82 -10.76
N THR B 210 -4.62 -20.00 -9.85
CA THR B 210 -4.52 -19.18 -8.65
C THR B 210 -3.07 -18.76 -8.46
N PHE B 211 -2.85 -17.46 -8.30
CA PHE B 211 -1.51 -16.97 -7.99
C PHE B 211 -1.63 -15.61 -7.34
N LEU B 212 -0.53 -15.18 -6.73
CA LEU B 212 -0.44 -13.92 -6.02
C LEU B 212 0.59 -13.04 -6.70
N ILE B 213 0.23 -11.80 -6.98
CA ILE B 213 1.16 -10.83 -7.57
C ILE B 213 1.50 -9.79 -6.51
N ASP B 214 2.80 -9.52 -6.36
CA ASP B 214 3.30 -8.58 -5.38
C ASP B 214 3.38 -7.20 -6.04
N LEU B 215 2.36 -6.37 -5.80
CA LEU B 215 2.34 -5.03 -6.37
C LEU B 215 3.21 -4.04 -5.59
N ARG B 216 3.82 -4.49 -4.49
CA ARG B 216 4.88 -3.67 -3.89
C ARG B 216 6.15 -3.72 -4.73
N LYS B 217 6.43 -4.86 -5.35
CA LYS B 217 7.62 -5.02 -6.17
C LYS B 217 7.58 -4.07 -7.36
N ALA B 218 8.70 -3.38 -7.60
CA ALA B 218 8.75 -2.43 -8.70
C ALA B 218 8.64 -3.12 -10.06
N ALA B 219 9.08 -4.38 -10.14
CA ALA B 219 9.01 -5.08 -11.41
C ALA B 219 7.58 -5.38 -11.82
N SER B 220 6.67 -5.48 -10.84
CA SER B 220 5.28 -5.79 -11.15
C SER B 220 4.62 -4.69 -11.99
N ARG B 221 5.15 -3.48 -11.95
CA ARG B 221 4.57 -2.38 -12.74
C ARG B 221 4.61 -2.66 -14.23
N ASN B 222 5.49 -3.55 -14.68
CA ASN B 222 5.61 -3.90 -16.10
C ASN B 222 4.79 -5.13 -16.48
N LEU B 223 4.17 -5.81 -15.53
CA LEU B 223 3.35 -6.95 -15.86
C LEU B 223 2.03 -6.51 -16.49
N ALA B 224 1.51 -7.35 -17.38
CA ALA B 224 0.31 -7.00 -18.14
C ALA B 224 -0.35 -8.26 -18.64
N PHE B 225 -1.65 -8.39 -18.41
CA PHE B 225 -2.40 -9.52 -18.94
C PHE B 225 -2.82 -9.29 -20.39
N TYR B 226 -3.08 -8.04 -20.77
CA TYR B 226 -3.49 -7.67 -22.10
C TYR B 226 -3.05 -6.23 -22.36
N PRO B 227 -2.64 -5.89 -23.59
CA PRO B 227 -2.45 -6.77 -24.76
C PRO B 227 -1.15 -7.55 -24.65
N PRO B 228 -0.88 -8.49 -25.56
CA PRO B 228 0.42 -9.17 -25.54
C PRO B 228 1.56 -8.18 -25.66
N HIS B 229 2.70 -8.56 -25.09
CA HIS B 229 3.92 -7.76 -25.15
C HIS B 229 4.28 -7.48 -26.60
N PRO B 230 4.86 -6.33 -26.91
CA PRO B 230 5.20 -6.03 -28.31
C PRO B 230 6.07 -7.09 -28.98
N ASP B 231 6.84 -7.84 -28.21
CA ASP B 231 7.68 -8.90 -28.76
C ASP B 231 7.00 -10.26 -28.79
N TYR B 232 5.76 -10.35 -28.30
CA TYR B 232 5.06 -11.62 -28.21
C TYR B 232 4.69 -12.14 -29.60
N THR B 233 5.09 -13.38 -29.89
CA THR B 233 4.87 -13.99 -31.20
C THR B 233 4.38 -15.42 -31.04
N TRP B 234 3.59 -15.69 -30.01
CA TRP B 234 3.11 -17.03 -29.69
C TRP B 234 1.60 -17.11 -29.90
N SER B 235 1.02 -18.24 -29.49
CA SER B 235 -0.40 -18.46 -29.66
C SER B 235 -1.21 -17.48 -28.83
N PHE B 236 -2.43 -17.20 -29.29
CA PHE B 236 -3.34 -16.29 -28.58
C PHE B 236 -3.97 -17.04 -27.41
N ASP B 237 -3.13 -17.29 -26.40
CA ASP B 237 -3.52 -18.00 -25.19
C ASP B 237 -3.30 -17.09 -24.00
N ASP B 238 -4.29 -17.02 -23.11
CA ASP B 238 -4.24 -16.06 -22.01
C ASP B 238 -3.09 -16.35 -21.06
N ILE B 239 -2.90 -17.61 -20.69
CA ILE B 239 -1.85 -17.95 -19.74
C ILE B 239 -0.47 -17.79 -20.38
N ILE B 240 -0.37 -18.01 -21.70
CA ILE B 240 0.91 -17.84 -22.37
C ILE B 240 1.26 -16.37 -22.50
N VAL B 241 0.27 -15.52 -22.79
CA VAL B 241 0.52 -14.09 -22.91
C VAL B 241 1.06 -13.54 -21.60
N PHE B 242 0.50 -13.99 -20.48
CA PHE B 242 0.95 -13.48 -19.18
C PHE B 242 2.33 -14.02 -18.83
N ALA B 243 2.55 -15.33 -19.03
CA ALA B 243 3.85 -15.92 -18.72
C ALA B 243 4.96 -15.23 -19.50
N PHE B 244 4.70 -14.87 -20.76
CA PHE B 244 5.67 -14.12 -21.54
C PHE B 244 5.86 -12.71 -20.97
N SER B 245 4.82 -12.15 -20.34
CA SER B 245 4.96 -10.83 -19.75
C SER B 245 5.87 -10.85 -18.54
N CYS B 246 5.91 -11.96 -17.81
CA CYS B 246 6.82 -12.08 -16.67
C CYS B 246 8.27 -12.22 -17.13
N LYS B 247 8.50 -12.89 -18.27
CA LYS B 247 9.86 -13.01 -18.80
C LYS B 247 10.43 -11.66 -19.18
N GLN B 248 9.61 -10.82 -19.83
CA GLN B 248 10.08 -9.50 -20.25
C GLN B 248 10.35 -8.60 -19.05
N ALA B 249 9.45 -8.59 -18.07
CA ALA B 249 9.69 -7.87 -16.84
C ALA B 249 10.74 -8.56 -15.95
N GLU B 250 11.27 -9.69 -16.38
CA GLU B 250 12.24 -10.47 -15.62
C GLU B 250 11.70 -10.81 -14.23
N VAL B 251 10.42 -11.16 -14.19
CA VAL B 251 9.76 -11.62 -12.98
C VAL B 251 9.74 -13.14 -13.01
N GLN B 252 10.41 -13.77 -12.05
CA GLN B 252 10.43 -15.23 -11.96
C GLN B 252 9.14 -15.70 -11.30
N MET B 253 8.38 -16.53 -12.02
CA MET B 253 7.21 -17.18 -11.43
C MET B 253 7.65 -18.35 -10.57
N TYR B 254 7.01 -18.49 -9.41
CA TYR B 254 7.29 -19.58 -8.50
C TYR B 254 6.02 -20.37 -8.20
N VAL B 255 6.19 -21.68 -7.99
CA VAL B 255 5.15 -22.55 -7.44
C VAL B 255 5.66 -23.13 -6.13
N CYS B 256 4.83 -23.11 -5.10
CA CYS B 256 5.16 -23.67 -3.80
C CYS B 256 4.27 -24.86 -3.50
N ASN B 257 4.87 -25.91 -2.93
CA ASN B 257 4.16 -27.10 -2.52
C ASN B 257 4.55 -27.52 -1.11
N LYS B 258 4.96 -26.55 -0.28
CA LYS B 258 5.44 -26.86 1.06
C LYS B 258 4.37 -27.56 1.90
N GLU B 259 3.10 -27.28 1.62
CA GLU B 259 2.01 -28.03 2.24
C GLU B 259 0.80 -27.95 1.34
N GLU B 260 -0.25 -28.67 1.73
CA GLU B 260 -1.47 -28.70 0.93
C GLU B 260 -2.18 -27.35 1.00
N TYR B 261 -2.62 -26.88 -0.16
CA TYR B 261 -3.30 -25.58 -0.22
C TYR B 261 -4.74 -25.72 -0.68
N GLY B 262 -4.99 -26.48 -1.73
CA GLY B 262 -6.34 -26.63 -2.24
C GLY B 262 -6.37 -27.59 -3.40
N PHE B 263 -7.55 -27.67 -4.03
CA PHE B 263 -7.81 -28.59 -5.11
C PHE B 263 -8.48 -27.86 -6.26
N LEU B 264 -8.46 -28.49 -7.43
CA LEU B 264 -9.05 -27.90 -8.64
C LEU B 264 -9.39 -29.03 -9.60
N PRO B 265 -10.44 -28.87 -10.40
CA PRO B 265 -10.79 -29.89 -11.37
C PRO B 265 -9.89 -29.82 -12.61
N VAL B 266 -9.71 -30.97 -13.24
CA VAL B 266 -8.94 -31.01 -14.48
C VAL B 266 -9.79 -30.45 -15.62
N PRO B 267 -9.28 -29.52 -16.41
CA PRO B 267 -10.09 -28.93 -17.49
C PRO B 267 -10.59 -29.97 -18.48
N LEU B 268 -11.75 -29.68 -19.06
CA LEU B 268 -12.43 -30.55 -20.01
C LEU B 268 -12.06 -30.15 -21.43
N ARG B 269 -12.57 -30.94 -22.39
CA ARG B 269 -12.32 -30.67 -23.80
C ARG B 269 -13.27 -29.58 -24.31
N ALA B 270 -12.97 -29.08 -25.51
CA ALA B 270 -13.75 -27.98 -26.07
C ALA B 270 -15.21 -28.37 -26.27
N HIS B 271 -15.45 -29.57 -26.82
CA HIS B 271 -16.80 -30.04 -27.07
C HIS B 271 -17.38 -30.80 -25.88
N SER B 272 -17.06 -30.39 -24.66
CA SER B 272 -17.66 -30.93 -23.45
C SER B 272 -18.89 -30.11 -23.09
N THR B 273 -19.56 -30.51 -22.01
CA THR B 273 -20.82 -29.90 -21.60
C THR B 273 -20.71 -29.38 -20.18
N LEU B 274 -21.71 -28.59 -19.79
CA LEU B 274 -21.73 -28.06 -18.43
C LEU B 274 -21.92 -29.17 -17.41
N GLN B 275 -22.66 -30.23 -17.75
CA GLN B 275 -22.84 -31.34 -16.83
C GLN B 275 -21.52 -32.03 -16.54
N ASP B 276 -20.69 -32.21 -17.57
CA ASP B 276 -19.33 -32.69 -17.35
C ASP B 276 -18.61 -31.84 -16.31
N GLU B 277 -18.73 -30.52 -16.42
CA GLU B 277 -18.02 -29.64 -15.49
C GLU B 277 -18.59 -29.73 -14.08
N ALA B 278 -19.92 -29.76 -13.95
CA ALA B 278 -20.51 -29.85 -12.62
C ALA B 278 -20.14 -31.17 -11.95
N GLU B 279 -20.12 -32.26 -12.72
CA GLU B 279 -19.71 -33.54 -12.15
C GLU B 279 -18.21 -33.60 -11.92
N SER B 280 -17.43 -32.89 -12.75
CA SER B 280 -15.99 -32.86 -12.56
C SER B 280 -15.62 -32.18 -11.24
N PHE B 281 -16.29 -31.07 -10.91
CA PHE B 281 -16.02 -30.42 -9.63
C PHE B 281 -16.56 -31.25 -8.47
N MET B 282 -17.60 -32.04 -8.71
CA MET B 282 -18.11 -32.91 -7.66
C MET B 282 -17.09 -33.99 -7.29
N HIS B 283 -16.31 -34.46 -8.27
CA HIS B 283 -15.26 -35.41 -7.94
C HIS B 283 -14.17 -34.76 -7.10
N VAL B 284 -13.91 -33.46 -7.32
CA VAL B 284 -12.98 -32.73 -6.46
C VAL B 284 -13.45 -32.79 -5.01
N GLN B 285 -14.74 -32.55 -4.78
CA GLN B 285 -15.29 -32.69 -3.42
C GLN B 285 -15.07 -34.09 -2.88
N LEU B 286 -15.21 -35.10 -3.75
CA LEU B 286 -14.94 -36.48 -3.33
C LEU B 286 -13.48 -36.67 -2.93
N GLU B 287 -12.56 -36.19 -3.76
CA GLU B 287 -11.13 -36.34 -3.46
C GLU B 287 -10.78 -35.68 -2.13
N VAL B 288 -11.41 -34.54 -1.82
CA VAL B 288 -11.18 -33.89 -0.53
C VAL B 288 -11.64 -34.79 0.60
N MET B 289 -12.78 -35.47 0.43
CA MET B 289 -13.34 -36.28 1.49
C MET B 289 -12.60 -37.60 1.72
N VAL B 290 -11.60 -37.91 0.89
CA VAL B 290 -10.79 -39.10 1.11
C VAL B 290 -9.97 -38.95 2.39
N LYS B 291 -9.31 -37.80 2.55
CA LYS B 291 -8.42 -37.57 3.68
C LYS B 291 -8.80 -36.36 4.52
N HIS B 292 -9.89 -35.68 4.22
CA HIS B 292 -10.33 -34.50 4.95
C HIS B 292 -11.82 -34.61 5.26
N PRO B 293 -12.31 -33.79 6.18
CA PRO B 293 -13.75 -33.58 6.26
C PRO B 293 -14.26 -32.93 4.99
N PRO B 294 -15.55 -33.06 4.69
CA PRO B 294 -16.06 -32.43 3.47
C PRO B 294 -15.91 -30.92 3.52
N ALA B 295 -15.50 -30.34 2.40
CA ALA B 295 -15.33 -28.90 2.30
C ALA B 295 -16.69 -28.22 2.40
N GLU B 296 -16.87 -27.42 3.45
CA GLU B 296 -18.15 -26.80 3.74
C GLU B 296 -18.43 -25.64 2.79
N PRO B 297 -19.71 -25.37 2.52
CA PRO B 297 -20.07 -24.23 1.68
C PRO B 297 -20.08 -22.94 2.50
N SER B 298 -20.42 -21.84 1.83
CA SER B 298 -20.57 -20.57 2.51
C SER B 298 -21.81 -20.58 3.40
N ARG B 299 -21.74 -19.86 4.51
CA ARG B 299 -22.93 -19.70 5.34
C ARG B 299 -23.94 -18.74 4.75
N PHE B 300 -23.70 -18.24 3.54
CA PHE B 300 -24.63 -17.38 2.83
C PHE B 300 -25.08 -17.95 1.50
N ILE B 301 -24.38 -18.95 0.96
CA ILE B 301 -24.78 -19.64 -0.26
C ILE B 301 -25.22 -21.05 0.12
N SER B 302 -26.31 -21.51 -0.50
CA SER B 302 -26.81 -22.86 -0.28
C SER B 302 -26.73 -23.63 -1.59
N ALA B 303 -26.04 -24.76 -1.57
CA ALA B 303 -25.96 -25.61 -2.75
C ALA B 303 -27.31 -26.27 -3.01
N PRO B 304 -27.64 -26.52 -4.27
CA PRO B 304 -28.97 -27.10 -4.58
C PRO B 304 -29.14 -28.50 -4.01
N THR B 305 -30.37 -28.81 -3.62
CA THR B 305 -30.67 -30.10 -3.03
C THR B 305 -30.62 -31.19 -4.09
N LYS B 306 -29.89 -32.27 -3.80
CA LYS B 306 -29.78 -33.39 -4.73
C LYS B 306 -30.80 -34.46 -4.40
N THR B 307 -31.19 -35.21 -5.43
CA THR B 307 -32.13 -36.31 -5.31
C THR B 307 -31.47 -37.58 -5.84
N PRO B 308 -31.23 -38.59 -5.02
CA PRO B 308 -30.52 -39.78 -5.47
C PRO B 308 -31.45 -40.87 -6.01
N ASP B 309 -30.82 -41.93 -6.52
CA ASP B 309 -31.53 -43.10 -7.01
C ASP B 309 -30.65 -44.32 -6.78
N LYS B 310 -31.15 -45.48 -7.20
CA LYS B 310 -30.38 -46.71 -7.17
C LYS B 310 -29.60 -46.95 -8.47
N MET B 311 -29.45 -45.91 -9.29
CA MET B 311 -28.75 -46.00 -10.58
C MET B 311 -29.36 -47.07 -11.49
N GLY B 312 -30.66 -47.31 -11.35
CA GLY B 312 -31.31 -48.34 -12.14
C GLY B 312 -31.07 -49.75 -11.66
N PHE B 313 -30.43 -49.94 -10.51
CA PHE B 313 -30.23 -51.27 -9.95
C PHE B 313 -31.46 -51.69 -9.15
N ASP B 314 -31.55 -53.00 -8.90
CA ASP B 314 -32.58 -53.49 -8.00
C ASP B 314 -32.24 -53.19 -6.56
N GLU B 315 -30.95 -53.10 -6.24
CA GLU B 315 -30.49 -52.71 -4.91
C GLU B 315 -29.01 -52.38 -5.00
N VAL B 316 -28.58 -51.43 -4.17
CA VAL B 316 -27.18 -51.05 -4.03
C VAL B 316 -26.79 -51.28 -2.59
N PHE B 317 -25.95 -52.28 -2.35
CA PHE B 317 -25.53 -52.62 -1.00
C PHE B 317 -24.22 -51.90 -0.65
N MET B 318 -23.99 -51.73 0.66
CA MET B 318 -22.73 -51.20 1.18
C MET B 318 -22.43 -51.91 2.49
N ILE B 319 -21.40 -52.76 2.48
CA ILE B 319 -20.99 -53.48 3.69
C ILE B 319 -20.19 -52.55 4.58
N ASN B 320 -20.45 -52.62 5.89
CA ASN B 320 -19.74 -51.77 6.84
C ASN B 320 -19.77 -52.40 8.21
N LEU B 321 -18.63 -52.41 8.90
CA LEU B 321 -18.57 -52.83 10.29
C LEU B 321 -18.94 -51.64 11.17
N ARG B 322 -19.84 -51.88 12.13
CA ARG B 322 -20.41 -50.78 12.89
C ARG B 322 -19.36 -49.99 13.65
N ARG B 323 -18.30 -50.66 14.11
CA ARG B 323 -17.26 -49.95 14.87
C ARG B 323 -16.43 -49.03 13.99
N ARG B 324 -16.46 -49.21 12.67
CA ARG B 324 -15.78 -48.33 11.73
C ARG B 324 -16.72 -47.19 11.35
N GLN B 325 -16.96 -46.32 12.33
CA GLN B 325 -17.93 -45.24 12.16
C GLN B 325 -17.46 -44.20 11.16
N ASP B 326 -16.15 -43.93 11.08
CA ASP B 326 -15.66 -42.91 10.17
C ASP B 326 -15.64 -43.39 8.72
N ARG B 327 -15.44 -44.69 8.50
CA ARG B 327 -15.64 -45.24 7.16
C ARG B 327 -17.09 -45.14 6.71
N ARG B 328 -18.03 -45.24 7.66
CA ARG B 328 -19.45 -45.18 7.32
C ARG B 328 -19.87 -43.77 6.91
N GLU B 329 -19.50 -42.77 7.70
CA GLU B 329 -19.91 -41.40 7.36
C GLU B 329 -19.24 -40.93 6.07
N ARG B 330 -18.01 -41.36 5.82
CA ARG B 330 -17.31 -40.97 4.61
C ARG B 330 -18.01 -41.51 3.37
N MET B 331 -18.39 -42.80 3.41
CA MET B 331 -19.06 -43.41 2.26
C MET B 331 -20.46 -42.82 2.06
N LEU B 332 -21.16 -42.52 3.14
CA LEU B 332 -22.49 -41.92 3.01
C LEU B 332 -22.42 -40.53 2.42
N ARG B 333 -21.38 -39.77 2.78
CA ARG B 333 -21.20 -38.45 2.17
C ARG B 333 -20.80 -38.57 0.71
N ALA B 334 -20.03 -39.60 0.35
CA ALA B 334 -19.60 -39.78 -1.03
C ALA B 334 -20.76 -40.25 -1.90
N LEU B 335 -21.51 -41.25 -1.44
CA LEU B 335 -22.66 -41.73 -2.20
C LEU B 335 -23.73 -40.66 -2.32
N GLN B 336 -23.95 -39.89 -1.25
CA GLN B 336 -24.91 -38.78 -1.30
C GLN B 336 -24.49 -37.75 -2.34
N ALA B 337 -23.20 -37.38 -2.34
CA ALA B 337 -22.72 -36.37 -3.27
C ALA B 337 -22.84 -36.82 -4.72
N GLN B 338 -22.71 -38.12 -4.99
CA GLN B 338 -22.86 -38.67 -6.32
C GLN B 338 -24.31 -39.01 -6.64
N GLU B 339 -25.25 -38.68 -5.76
CA GLU B 339 -26.66 -38.98 -5.92
C GLU B 339 -26.88 -40.48 -6.12
N ILE B 340 -26.40 -41.25 -5.13
CA ILE B 340 -26.50 -42.70 -5.12
C ILE B 340 -27.01 -43.12 -3.75
N GLU B 341 -28.03 -43.98 -3.74
CA GLU B 341 -28.66 -44.46 -2.51
C GLU B 341 -28.25 -45.91 -2.27
N CYS B 342 -28.10 -46.27 -0.99
CA CYS B 342 -27.58 -47.58 -0.63
C CYS B 342 -28.40 -48.17 0.51
N ARG B 343 -28.37 -49.50 0.59
CA ARG B 343 -28.82 -50.23 1.77
C ARG B 343 -27.59 -50.62 2.58
N LEU B 344 -27.54 -50.16 3.83
CA LEU B 344 -26.41 -50.46 4.69
C LEU B 344 -26.52 -51.89 5.22
N VAL B 345 -25.50 -52.70 4.96
CA VAL B 345 -25.44 -54.08 5.42
C VAL B 345 -24.42 -54.16 6.54
N GLU B 346 -24.85 -54.63 7.71
CA GLU B 346 -23.96 -54.77 8.85
C GLU B 346 -22.97 -55.90 8.59
N ALA B 347 -21.68 -55.58 8.68
CA ALA B 347 -20.64 -56.56 8.40
C ALA B 347 -20.53 -57.58 9.53
N VAL B 348 -20.25 -58.82 9.16
CA VAL B 348 -20.08 -59.89 10.15
C VAL B 348 -18.72 -59.71 10.83
N ASP B 349 -18.75 -59.39 12.12
CA ASP B 349 -17.52 -59.23 12.89
C ASP B 349 -16.90 -60.61 13.11
N GLY B 350 -15.87 -60.92 12.32
CA GLY B 350 -15.29 -62.25 12.37
C GLY B 350 -14.58 -62.57 13.67
N LYS B 351 -14.04 -61.55 14.35
CA LYS B 351 -13.32 -61.78 15.60
C LYS B 351 -14.26 -62.02 16.77
N ALA B 352 -15.50 -61.54 16.70
CA ALA B 352 -16.45 -61.71 17.80
C ALA B 352 -17.12 -63.08 17.80
N MET B 353 -16.72 -63.99 16.92
CA MET B 353 -17.32 -65.32 16.84
C MET B 353 -16.40 -66.33 17.52
N ASN B 354 -16.89 -66.96 18.58
CA ASN B 354 -16.15 -68.04 19.19
C ASN B 354 -16.18 -69.29 18.30
N THR B 355 -15.47 -70.33 18.74
CA THR B 355 -15.34 -71.53 17.92
C THR B 355 -16.67 -72.27 17.79
N SER B 356 -17.57 -72.12 18.76
CA SER B 356 -18.86 -72.77 18.69
C SER B 356 -19.72 -72.20 17.57
N GLN B 357 -19.79 -70.88 17.48
CA GLN B 357 -20.62 -70.26 16.44
C GLN B 357 -20.05 -70.50 15.05
N VAL B 358 -18.74 -70.75 14.96
CA VAL B 358 -18.14 -71.10 13.68
C VAL B 358 -18.62 -72.47 13.22
N GLU B 359 -18.67 -73.45 14.12
CA GLU B 359 -19.15 -74.78 13.76
C GLU B 359 -20.66 -74.77 13.49
N ALA B 360 -21.40 -73.85 14.11
CA ALA B 360 -22.85 -73.82 13.98
C ALA B 360 -23.33 -73.51 12.57
N LEU B 361 -22.43 -73.11 11.67
CA LEU B 361 -22.79 -72.83 10.28
C LEU B 361 -22.03 -73.73 9.31
N GLY B 362 -21.43 -74.81 9.81
CA GLY B 362 -20.69 -75.72 8.95
C GLY B 362 -19.47 -75.10 8.33
N ILE B 363 -18.79 -74.22 9.05
CA ILE B 363 -17.65 -73.48 8.52
C ILE B 363 -16.39 -74.31 8.71
N GLN B 364 -15.70 -74.59 7.61
CA GLN B 364 -14.44 -75.33 7.61
C GLN B 364 -13.55 -74.76 6.53
N MET B 365 -12.31 -74.44 6.88
CA MET B 365 -11.37 -73.89 5.91
C MET B 365 -11.08 -74.91 4.82
N LEU B 366 -10.74 -74.41 3.63
CA LEU B 366 -10.35 -75.28 2.54
C LEU B 366 -9.09 -76.07 2.91
N PRO B 367 -9.11 -77.40 2.83
CA PRO B 367 -7.92 -78.17 3.22
C PRO B 367 -6.68 -77.84 2.42
N GLY B 368 -5.70 -77.23 3.08
CA GLY B 368 -4.45 -76.88 2.46
C GLY B 368 -4.33 -75.46 1.96
N TYR B 369 -5.05 -74.51 2.54
CA TYR B 369 -4.97 -73.13 2.11
C TYR B 369 -3.81 -72.42 2.80
N ARG B 370 -3.05 -71.65 2.01
CA ARG B 370 -1.93 -70.89 2.53
C ARG B 370 -1.91 -69.51 1.86
N ASP B 371 -1.64 -68.49 2.67
CA ASP B 371 -1.61 -67.11 2.18
C ASP B 371 -0.63 -66.98 1.02
N PRO B 372 -1.02 -66.33 -0.08
CA PRO B 372 -0.09 -66.19 -1.21
C PRO B 372 1.18 -65.42 -0.87
N TYR B 373 1.20 -64.63 0.21
CA TYR B 373 2.36 -63.82 0.54
C TYR B 373 2.89 -64.05 1.94
N HIS B 374 2.27 -64.93 2.72
CA HIS B 374 2.79 -65.30 4.03
C HIS B 374 2.55 -66.76 4.39
N GLY B 375 1.74 -67.50 3.64
CA GLY B 375 1.57 -68.93 3.87
C GLY B 375 0.72 -69.31 5.05
N ARG B 376 -0.17 -68.40 5.49
CA ARG B 376 -0.98 -68.59 6.69
C ARG B 376 -2.38 -69.08 6.33
N PRO B 377 -3.04 -69.80 7.25
CA PRO B 377 -4.42 -70.24 6.99
C PRO B 377 -5.41 -69.07 6.97
N LEU B 378 -6.68 -69.38 6.80
CA LEU B 378 -7.70 -68.33 6.74
C LEU B 378 -7.87 -67.68 8.12
N THR B 379 -8.02 -66.36 8.12
CA THR B 379 -8.07 -65.56 9.34
C THR B 379 -9.52 -65.32 9.75
N LYS B 380 -9.69 -64.95 11.03
CA LYS B 380 -11.01 -64.59 11.52
C LYS B 380 -11.54 -63.33 10.83
N GLY B 381 -10.64 -62.45 10.40
CA GLY B 381 -11.08 -61.29 9.64
C GLY B 381 -11.60 -61.68 8.27
N GLU B 382 -10.84 -62.50 7.54
CA GLU B 382 -11.31 -62.99 6.25
C GLU B 382 -12.54 -63.86 6.39
N LEU B 383 -12.70 -64.53 7.54
CA LEU B 383 -13.91 -65.31 7.79
C LEU B 383 -15.14 -64.42 7.87
N GLY B 384 -15.09 -63.38 8.71
CA GLY B 384 -16.21 -62.46 8.81
C GLY B 384 -16.45 -61.69 7.54
N CYS B 385 -15.41 -61.47 6.74
CA CYS B 385 -15.58 -60.80 5.46
C CYS B 385 -16.29 -61.68 4.45
N PHE B 386 -15.99 -62.98 4.44
CA PHE B 386 -16.68 -63.90 3.55
C PHE B 386 -18.16 -64.00 3.92
N LEU B 387 -18.46 -64.07 5.21
CA LEU B 387 -19.85 -64.17 5.65
C LEU B 387 -20.65 -62.92 5.37
N SER B 388 -20.00 -61.76 5.28
CA SER B 388 -20.71 -60.54 4.92
C SER B 388 -21.22 -60.60 3.48
N HIS B 389 -20.32 -60.92 2.54
CA HIS B 389 -20.75 -61.13 1.17
C HIS B 389 -21.70 -62.33 1.06
N TYR B 390 -21.50 -63.33 1.93
CA TYR B 390 -22.39 -64.49 1.93
C TYR B 390 -23.82 -64.10 2.30
N ASN B 391 -23.97 -63.16 3.23
CA ASN B 391 -25.29 -62.69 3.60
C ASN B 391 -25.96 -61.94 2.45
N ILE B 392 -25.18 -61.13 1.73
CA ILE B 392 -25.73 -60.38 0.61
C ILE B 392 -26.20 -61.32 -0.50
N TRP B 393 -25.40 -62.37 -0.77
CA TRP B 393 -25.84 -63.40 -1.72
C TRP B 393 -27.17 -64.00 -1.27
N LYS B 394 -27.32 -64.25 0.03
CA LYS B 394 -28.59 -64.75 0.55
C LYS B 394 -29.70 -63.74 0.37
N GLU B 395 -29.42 -62.45 0.58
CA GLU B 395 -30.43 -61.43 0.38
C GLU B 395 -30.84 -61.32 -1.09
N VAL B 396 -29.89 -61.54 -2.01
CA VAL B 396 -30.22 -61.44 -3.43
C VAL B 396 -31.16 -62.56 -3.84
N VAL B 397 -30.90 -63.79 -3.39
CA VAL B 397 -31.74 -64.92 -3.78
C VAL B 397 -33.12 -64.82 -3.14
N ASP B 398 -33.18 -64.46 -1.85
CA ASP B 398 -34.45 -64.36 -1.16
C ASP B 398 -35.36 -63.33 -1.82
N ARG B 399 -34.86 -62.11 -1.99
CA ARG B 399 -35.67 -61.04 -2.57
C ARG B 399 -35.76 -61.10 -4.09
N GLY B 400 -35.02 -62.00 -4.73
CA GLY B 400 -35.09 -62.17 -6.17
C GLY B 400 -34.61 -60.99 -6.98
N LEU B 401 -33.63 -60.23 -6.46
CA LEU B 401 -33.10 -59.09 -7.18
C LEU B 401 -32.31 -59.55 -8.39
N GLN B 402 -32.66 -59.03 -9.57
CA GLN B 402 -32.03 -59.50 -10.80
C GLN B 402 -30.62 -58.97 -10.96
N LYS B 403 -30.38 -57.71 -10.59
CA LYS B 403 -29.06 -57.11 -10.67
C LYS B 403 -28.85 -56.18 -9.48
N SER B 404 -27.69 -56.32 -8.83
CA SER B 404 -27.39 -55.56 -7.62
C SER B 404 -25.93 -55.12 -7.66
N LEU B 405 -25.66 -53.96 -7.07
CA LEU B 405 -24.31 -53.45 -6.91
C LEU B 405 -23.91 -53.54 -5.44
N VAL B 406 -22.71 -54.02 -5.18
CA VAL B 406 -22.22 -54.26 -3.82
C VAL B 406 -20.99 -53.38 -3.58
N PHE B 407 -20.99 -52.67 -2.46
CA PHE B 407 -19.90 -51.78 -2.08
C PHE B 407 -19.29 -52.23 -0.75
N GLU B 408 -18.03 -51.89 -0.56
CA GLU B 408 -17.38 -52.02 0.74
C GLU B 408 -17.30 -50.63 1.38
N ASP B 409 -16.45 -50.47 2.40
CA ASP B 409 -16.46 -49.25 3.20
C ASP B 409 -15.23 -48.37 3.01
N ASP B 410 -14.22 -48.81 2.25
CA ASP B 410 -13.01 -48.02 2.02
C ASP B 410 -12.67 -48.07 0.54
N LEU B 411 -13.23 -47.15 -0.23
CA LEU B 411 -13.01 -47.12 -1.67
C LEU B 411 -13.28 -45.71 -2.18
N ARG B 412 -12.50 -45.28 -3.19
CA ARG B 412 -12.64 -43.98 -3.80
C ARG B 412 -13.23 -44.13 -5.20
N PHE B 413 -13.96 -43.10 -5.64
CA PHE B 413 -14.73 -43.15 -6.86
C PHE B 413 -14.04 -42.41 -7.99
N GLU B 414 -14.21 -42.93 -9.21
CA GLU B 414 -13.71 -42.27 -10.40
C GLU B 414 -14.68 -41.18 -10.86
N ILE B 415 -14.15 -40.26 -11.66
CA ILE B 415 -14.96 -39.17 -12.18
C ILE B 415 -16.05 -39.73 -13.08
N PHE B 416 -17.25 -39.14 -12.99
CA PHE B 416 -18.42 -39.59 -13.74
C PHE B 416 -18.76 -41.05 -13.41
N PHE B 417 -18.62 -41.43 -12.14
CA PHE B 417 -18.87 -42.82 -11.77
C PHE B 417 -20.29 -43.25 -12.11
N LYS B 418 -21.27 -42.40 -11.82
CA LYS B 418 -22.67 -42.79 -11.99
C LYS B 418 -23.02 -42.96 -13.46
N ARG B 419 -22.67 -41.98 -14.30
CA ARG B 419 -22.99 -42.08 -15.71
C ARG B 419 -22.21 -43.22 -16.38
N ARG B 420 -20.97 -43.46 -15.96
CA ARG B 420 -20.13 -44.43 -16.65
C ARG B 420 -20.60 -45.85 -16.41
N LEU B 421 -20.96 -46.18 -15.17
CA LEU B 421 -21.44 -47.54 -14.89
C LEU B 421 -22.84 -47.76 -15.46
N MET B 422 -23.70 -46.73 -15.39
CA MET B 422 -25.06 -46.88 -15.92
C MET B 422 -25.06 -47.09 -17.42
N ASN B 423 -24.11 -46.47 -18.13
CA ASN B 423 -24.00 -46.69 -19.57
C ASN B 423 -23.38 -48.03 -19.92
N LEU B 424 -22.66 -48.65 -18.98
CA LEU B 424 -22.25 -50.03 -19.18
C LEU B 424 -23.41 -50.99 -18.96
N MET B 425 -24.24 -50.72 -17.95
CA MET B 425 -25.37 -51.58 -17.67
C MET B 425 -26.43 -51.49 -18.75
N ARG B 426 -26.55 -50.35 -19.42
CA ARG B 426 -27.43 -50.26 -20.57
C ARG B 426 -26.80 -50.86 -21.82
N ASP B 427 -25.46 -51.03 -21.83
CA ASP B 427 -24.81 -51.73 -22.92
C ASP B 427 -24.80 -53.24 -22.71
N VAL B 428 -24.55 -53.68 -21.49
CA VAL B 428 -24.60 -55.11 -21.19
C VAL B 428 -26.00 -55.65 -21.41
N GLU B 429 -27.02 -54.88 -21.05
CA GLU B 429 -28.40 -55.33 -21.21
C GLU B 429 -28.79 -55.39 -22.68
N ARG B 430 -28.41 -54.39 -23.48
CA ARG B 430 -28.83 -54.35 -24.87
C ARG B 430 -28.20 -55.48 -25.69
N GLU B 431 -27.19 -56.17 -25.16
CA GLU B 431 -26.53 -57.26 -25.87
C GLU B 431 -26.90 -58.64 -25.34
N GLY B 432 -27.73 -58.72 -24.31
CA GLY B 432 -28.15 -60.02 -23.79
C GLY B 432 -27.01 -60.86 -23.27
N LEU B 433 -26.03 -60.25 -22.61
CA LEU B 433 -24.85 -60.98 -22.16
C LEU B 433 -25.20 -61.86 -20.96
N ASP B 434 -24.85 -63.14 -21.06
CA ASP B 434 -25.03 -64.09 -19.96
C ASP B 434 -23.90 -63.88 -18.97
N TRP B 435 -24.14 -63.00 -17.99
CA TRP B 435 -23.12 -62.61 -17.02
C TRP B 435 -23.58 -62.89 -15.60
N ASP B 436 -22.60 -63.11 -14.72
CA ASP B 436 -22.83 -63.38 -13.31
C ASP B 436 -22.19 -62.35 -12.39
N LEU B 437 -20.99 -61.89 -12.72
CA LEU B 437 -20.20 -61.04 -11.83
C LEU B 437 -19.45 -60.01 -12.67
N ILE B 438 -19.79 -58.73 -12.48
CA ILE B 438 -19.12 -57.64 -13.19
C ILE B 438 -18.31 -56.85 -12.17
N TYR B 439 -16.98 -56.91 -12.31
CA TYR B 439 -16.10 -56.22 -11.38
C TYR B 439 -16.11 -54.72 -11.63
N VAL B 440 -16.46 -53.95 -10.61
CA VAL B 440 -16.30 -52.50 -10.66
C VAL B 440 -14.96 -52.05 -10.09
N GLY B 441 -14.34 -52.86 -9.23
CA GLY B 441 -13.04 -52.56 -8.67
C GLY B 441 -12.33 -53.80 -8.14
N ARG B 442 -11.16 -54.09 -8.67
CA ARG B 442 -10.43 -55.32 -8.32
C ARG B 442 -8.94 -55.05 -8.45
N LYS B 443 -8.14 -56.11 -8.30
CA LYS B 443 -6.70 -56.06 -8.53
C LYS B 443 -6.37 -57.06 -9.64
N ARG B 444 -6.26 -56.56 -10.87
CA ARG B 444 -5.97 -57.41 -12.01
C ARG B 444 -4.59 -58.05 -11.86
N MET B 445 -4.55 -59.38 -11.81
CA MET B 445 -3.32 -60.12 -11.61
C MET B 445 -2.72 -60.67 -12.89
N GLN B 446 -3.43 -60.58 -14.01
CA GLN B 446 -2.98 -61.10 -15.29
C GLN B 446 -2.81 -59.91 -16.24
N VAL B 447 -1.60 -59.33 -16.23
CA VAL B 447 -1.32 -58.12 -17.01
C VAL B 447 -0.31 -58.37 -18.13
N GLU B 448 0.16 -59.61 -18.29
CA GLU B 448 1.10 -59.92 -19.37
C GLU B 448 0.41 -59.80 -20.73
N HIS B 449 -0.49 -60.73 -21.03
CA HIS B 449 -1.30 -60.48 -22.22
C HIS B 449 -2.65 -59.90 -21.83
N PRO B 450 -3.17 -58.95 -22.61
CA PRO B 450 -4.41 -58.26 -22.21
C PRO B 450 -5.59 -59.22 -22.10
N GLU B 451 -6.45 -58.96 -21.14
CA GLU B 451 -7.62 -59.79 -20.92
C GLU B 451 -8.60 -59.68 -22.08
N LYS B 452 -9.25 -60.80 -22.40
CA LYS B 452 -10.08 -60.90 -23.59
C LYS B 452 -11.26 -59.93 -23.53
N ALA B 453 -11.31 -58.99 -24.47
CA ALA B 453 -12.36 -57.99 -24.48
C ALA B 453 -13.71 -58.62 -24.83
N VAL B 454 -14.76 -58.12 -24.21
CA VAL B 454 -16.12 -58.61 -24.44
C VAL B 454 -16.69 -57.92 -25.68
N PRO B 455 -17.04 -58.68 -26.72
CA PRO B 455 -17.55 -58.05 -27.94
C PRO B 455 -18.92 -57.42 -27.72
N ARG B 456 -19.16 -56.32 -28.45
CA ARG B 456 -20.41 -55.57 -28.51
C ARG B 456 -20.74 -54.84 -27.20
N VAL B 457 -19.90 -54.94 -26.17
CA VAL B 457 -20.08 -54.19 -24.93
C VAL B 457 -18.78 -53.43 -24.68
N ARG B 458 -18.80 -52.12 -24.88
CA ARG B 458 -17.61 -51.31 -24.75
C ARG B 458 -17.19 -51.18 -23.29
N ASN B 459 -15.89 -51.08 -23.06
CA ASN B 459 -15.32 -50.89 -21.73
C ASN B 459 -15.67 -52.06 -20.80
N LEU B 460 -15.59 -53.27 -21.32
CA LEU B 460 -15.86 -54.47 -20.53
C LEU B 460 -15.00 -55.61 -21.06
N VAL B 461 -14.33 -56.31 -20.14
CA VAL B 461 -13.46 -57.42 -20.49
C VAL B 461 -13.84 -58.64 -19.66
N GLU B 462 -13.40 -59.79 -20.12
CA GLU B 462 -13.60 -61.04 -19.37
C GLU B 462 -12.62 -61.08 -18.21
N ALA B 463 -13.15 -61.18 -16.99
CA ALA B 463 -12.33 -61.12 -15.79
C ALA B 463 -11.42 -62.34 -15.71
N ASP B 464 -10.11 -62.10 -15.76
CA ASP B 464 -9.14 -63.15 -15.47
C ASP B 464 -8.88 -63.17 -13.97
N TYR B 465 -7.72 -63.66 -13.55
CA TYR B 465 -7.46 -63.79 -12.12
C TYR B 465 -7.44 -62.42 -11.45
N SER B 466 -8.39 -62.20 -10.56
CA SER B 466 -8.50 -60.98 -9.77
C SER B 466 -8.07 -61.27 -8.34
N TYR B 467 -8.17 -60.27 -7.46
CA TYR B 467 -7.65 -60.46 -6.11
C TYR B 467 -8.41 -59.67 -5.05
N TRP B 468 -9.37 -58.84 -5.44
CA TRP B 468 -10.13 -58.03 -4.50
C TRP B 468 -11.63 -58.15 -4.77
N THR B 469 -12.42 -57.70 -3.80
CA THR B 469 -13.87 -57.60 -3.94
C THR B 469 -14.33 -56.24 -3.42
N LEU B 470 -13.74 -55.17 -3.95
CA LEU B 470 -14.07 -53.82 -3.50
C LEU B 470 -15.48 -53.42 -3.91
N ALA B 471 -15.79 -53.55 -5.20
CA ALA B 471 -17.10 -53.22 -5.73
C ALA B 471 -17.36 -54.09 -6.95
N TYR B 472 -18.57 -54.64 -7.03
CA TYR B 472 -18.93 -55.49 -8.15
C TYR B 472 -20.43 -55.49 -8.32
N VAL B 473 -20.87 -55.81 -9.53
CA VAL B 473 -22.27 -56.08 -9.83
C VAL B 473 -22.46 -57.59 -9.84
N ILE B 474 -23.56 -58.05 -9.27
CA ILE B 474 -23.89 -59.47 -9.26
C ILE B 474 -25.34 -59.63 -9.71
N SER B 475 -25.58 -60.66 -10.54
CA SER B 475 -26.92 -60.98 -10.99
C SER B 475 -27.51 -62.09 -10.14
N LEU B 476 -28.84 -62.23 -10.22
CA LEU B 476 -29.52 -63.30 -9.50
C LEU B 476 -29.01 -64.66 -9.92
N GLN B 477 -28.62 -64.81 -11.20
CA GLN B 477 -28.03 -66.06 -11.66
C GLN B 477 -26.72 -66.34 -10.94
N GLY B 478 -25.86 -65.33 -10.80
CA GLY B 478 -24.58 -65.52 -10.14
C GLY B 478 -24.69 -65.73 -8.65
N ALA B 479 -25.72 -65.16 -8.02
CA ALA B 479 -25.89 -65.35 -6.58
C ALA B 479 -26.22 -66.79 -6.24
N ARG B 480 -27.03 -67.44 -7.08
CA ARG B 480 -27.33 -68.85 -6.85
C ARG B 480 -26.11 -69.74 -7.07
N LYS B 481 -25.32 -69.42 -8.10
CA LYS B 481 -24.13 -70.23 -8.40
C LYS B 481 -23.15 -70.21 -7.24
N LEU B 482 -22.97 -69.06 -6.60
CA LEU B 482 -22.04 -68.97 -5.48
C LEU B 482 -22.58 -69.74 -4.27
N LEU B 483 -23.87 -69.61 -3.99
CA LEU B 483 -24.46 -70.31 -2.84
C LEU B 483 -24.53 -71.81 -3.07
N ALA B 484 -24.73 -72.24 -4.32
CA ALA B 484 -24.86 -73.67 -4.62
C ALA B 484 -23.54 -74.41 -4.49
N ALA B 485 -22.41 -73.70 -4.48
CA ALA B 485 -21.10 -74.34 -4.34
C ALA B 485 -20.76 -74.68 -2.90
N GLU B 486 -21.69 -74.46 -1.96
CA GLU B 486 -21.53 -74.61 -0.51
C GLU B 486 -20.12 -74.27 -0.06
N PRO B 487 -19.71 -73.00 -0.15
CA PRO B 487 -18.33 -72.63 0.22
C PRO B 487 -18.09 -72.53 1.71
N LEU B 488 -19.13 -72.61 2.55
CA LEU B 488 -18.94 -72.52 3.99
C LEU B 488 -18.09 -73.69 4.51
N SER B 489 -18.34 -74.89 3.99
CA SER B 489 -17.53 -76.05 4.36
C SER B 489 -16.17 -76.07 3.68
N LYS B 490 -15.96 -75.22 2.66
CA LYS B 490 -14.67 -75.13 1.98
C LYS B 490 -14.16 -73.70 2.09
N MET B 491 -14.05 -73.18 3.30
CA MET B 491 -13.83 -71.76 3.51
C MET B 491 -12.49 -71.31 2.92
N LEU B 492 -12.57 -70.35 2.00
CA LEU B 492 -11.46 -69.74 1.30
C LEU B 492 -11.80 -68.26 1.25
N PRO B 493 -10.81 -67.37 1.37
CA PRO B 493 -11.12 -65.93 1.38
C PRO B 493 -11.92 -65.52 0.15
N VAL B 494 -12.86 -64.60 0.35
CA VAL B 494 -13.88 -64.30 -0.66
C VAL B 494 -13.24 -63.78 -1.94
N ASP B 495 -12.13 -63.05 -1.84
CA ASP B 495 -11.45 -62.54 -3.02
C ASP B 495 -10.67 -63.62 -3.76
N GLU B 496 -10.56 -64.83 -3.20
CA GLU B 496 -10.02 -65.98 -3.90
C GLU B 496 -11.08 -67.01 -4.26
N PHE B 497 -12.17 -67.08 -3.49
CA PHE B 497 -13.27 -67.99 -3.83
C PHE B 497 -13.96 -67.56 -5.12
N LEU B 498 -14.00 -66.26 -5.41
CA LEU B 498 -14.60 -65.82 -6.68
C LEU B 498 -13.73 -66.20 -7.87
N PRO B 499 -12.41 -65.98 -7.88
CA PRO B 499 -11.59 -66.52 -8.98
C PRO B 499 -11.64 -68.03 -9.09
N VAL B 500 -11.94 -68.74 -8.01
CA VAL B 500 -12.16 -70.18 -8.13
C VAL B 500 -13.44 -70.47 -8.88
N MET B 501 -14.44 -69.59 -8.76
CA MET B 501 -15.75 -69.88 -9.34
C MET B 501 -15.82 -69.57 -10.84
N PHE B 502 -15.08 -68.57 -11.33
CA PHE B 502 -14.97 -68.38 -12.77
C PHE B 502 -13.71 -69.00 -13.35
N ASP B 503 -13.05 -69.88 -12.58
CA ASP B 503 -12.08 -70.84 -13.11
C ASP B 503 -10.82 -70.17 -13.66
N LYS B 504 -10.29 -69.20 -12.93
CA LYS B 504 -9.04 -68.55 -13.30
C LYS B 504 -8.06 -68.49 -12.12
N HIS B 505 -8.24 -69.35 -11.11
CA HIS B 505 -7.33 -69.38 -9.97
C HIS B 505 -6.03 -70.09 -10.35
N PRO B 506 -4.88 -69.56 -9.94
CA PRO B 506 -3.61 -70.17 -10.37
C PRO B 506 -3.37 -71.54 -9.75
N VAL B 507 -3.60 -71.69 -8.45
CA VAL B 507 -3.37 -72.97 -7.78
C VAL B 507 -4.50 -73.93 -8.12
N SER B 508 -4.14 -75.14 -8.52
CA SER B 508 -5.14 -76.16 -8.85
C SER B 508 -5.52 -77.02 -7.65
N GLU B 509 -4.75 -76.97 -6.56
CA GLU B 509 -5.16 -77.66 -5.34
C GLU B 509 -6.39 -77.01 -4.71
N TYR B 510 -6.65 -75.74 -5.03
CA TYR B 510 -7.85 -75.05 -4.55
C TYR B 510 -9.04 -75.27 -5.46
N LYS B 511 -8.84 -75.16 -6.77
CA LYS B 511 -9.93 -75.41 -7.73
C LYS B 511 -10.39 -76.86 -7.74
N ALA B 512 -9.65 -77.76 -7.09
CA ALA B 512 -10.06 -79.16 -7.04
C ALA B 512 -11.15 -79.39 -6.00
N HIS B 513 -11.13 -78.65 -4.89
CA HIS B 513 -12.13 -78.85 -3.85
C HIS B 513 -13.51 -78.40 -4.29
N PHE B 514 -13.59 -77.34 -5.11
CA PHE B 514 -14.84 -76.88 -5.67
C PHE B 514 -15.08 -77.55 -7.01
N SER B 515 -16.27 -78.15 -7.17
CA SER B 515 -16.57 -78.93 -8.38
C SER B 515 -17.03 -78.04 -9.53
N LEU B 516 -18.26 -77.54 -9.45
CA LEU B 516 -18.82 -76.73 -10.53
C LEU B 516 -18.34 -75.29 -10.41
N ARG B 517 -17.65 -74.81 -11.44
CA ARG B 517 -17.08 -73.46 -11.47
C ARG B 517 -17.44 -72.80 -12.81
N ASN B 518 -18.72 -72.53 -13.00
CA ASN B 518 -19.24 -71.98 -14.26
C ASN B 518 -19.73 -70.55 -14.10
N LEU B 519 -18.96 -69.73 -13.37
CA LEU B 519 -19.35 -68.35 -13.13
C LEU B 519 -18.92 -67.47 -14.30
N HIS B 520 -19.84 -66.63 -14.77
CA HIS B 520 -19.56 -65.71 -15.88
C HIS B 520 -19.15 -64.38 -15.28
N ALA B 521 -17.83 -64.19 -15.13
CA ALA B 521 -17.28 -63.00 -14.49
C ALA B 521 -16.69 -62.07 -15.54
N PHE B 522 -16.98 -60.78 -15.39
CA PHE B 522 -16.43 -59.74 -16.24
C PHE B 522 -15.94 -58.59 -15.37
N SER B 523 -15.24 -57.65 -16.00
CA SER B 523 -14.66 -56.53 -15.27
C SER B 523 -14.79 -55.27 -16.11
N VAL B 524 -15.16 -54.17 -15.45
CA VAL B 524 -15.17 -52.88 -16.12
C VAL B 524 -13.75 -52.48 -16.44
N GLU B 525 -13.55 -51.98 -17.66
CA GLU B 525 -12.22 -51.56 -18.10
C GLU B 525 -12.31 -50.21 -18.80
N PRO B 526 -11.76 -49.14 -18.25
CA PRO B 526 -10.96 -49.07 -17.01
C PRO B 526 -11.79 -49.25 -15.74
N LEU B 527 -11.13 -49.60 -14.63
CA LEU B 527 -11.83 -49.80 -13.37
C LEU B 527 -12.39 -48.47 -12.87
N LEU B 528 -13.60 -48.52 -12.31
CA LEU B 528 -14.29 -47.33 -11.86
C LEU B 528 -14.06 -47.01 -10.38
N ILE B 529 -13.52 -47.94 -9.61
CA ILE B 529 -13.31 -47.75 -8.18
C ILE B 529 -11.96 -48.33 -7.79
N TYR B 530 -11.21 -47.58 -6.98
CA TYR B 530 -9.90 -47.99 -6.48
C TYR B 530 -9.91 -47.95 -4.97
N PRO B 531 -8.92 -48.53 -4.29
CA PRO B 531 -8.84 -48.39 -2.83
C PRO B 531 -8.43 -46.98 -2.41
N THR B 532 -8.73 -46.67 -1.15
CA THR B 532 -8.35 -45.36 -0.59
C THR B 532 -6.85 -45.31 -0.32
N HIS B 533 -6.39 -46.11 0.65
CA HIS B 533 -4.98 -46.14 1.03
C HIS B 533 -4.19 -47.19 0.25
N TYR B 534 -4.69 -47.61 -0.92
CA TYR B 534 -4.02 -48.58 -1.79
C TYR B 534 -3.34 -49.73 -1.04
HG HG C . -1.13 14.13 18.16
HG HG D . 11.35 17.34 25.06
HG HG E . 30.87 49.79 4.86
HG HG F . 14.60 39.43 10.38
HG HG G . 17.65 48.26 -7.51
CL CL H . -9.15 19.14 -10.43
CL CL I . 15.56 31.32 18.52
CL CL J . 2.20 28.70 21.54
CL CL K . 15.36 46.78 -6.67
N1 GDU L . -7.39 26.84 7.13
C2 GDU L . -8.44 26.47 6.11
N3 GDU L . -9.86 26.91 6.26
C4 GDU L . -10.24 27.70 7.44
C5 GDU L . -9.20 28.05 8.46
C6 GDU L . -7.79 27.61 8.30
O2 GDU L . -8.15 25.83 5.15
O4 GDU L . -11.36 28.06 7.58
C1D GDU L . -6.02 26.37 6.97
C2D GDU L . -4.94 27.42 6.54
O2D GDU L . -4.95 27.65 5.20
C3D GDU L . -3.64 26.71 6.94
C4D GDU L . -3.96 25.95 7.99
O4D GDU L . -5.56 25.96 8.13
O3D GDU L . -3.16 25.81 5.85
C5D GDU L . -3.36 26.57 9.25
O5D GDU L . -4.05 27.83 9.46
PA GDU L . -3.14 29.21 9.58
O1A GDU L . -1.75 28.99 9.07
O2A GDU L . -3.81 30.34 8.82
O3A GDU L . -3.12 29.55 11.21
PB GDU L . -1.75 29.54 12.11
O1B GDU L . -0.64 30.19 11.28
O2B GDU L . -2.04 30.35 13.39
O3B GDU L . -1.26 28.00 12.54
C1' GDU L . -2.09 26.99 12.93
C2' GDU L . -3.14 27.43 13.95
C3' GDU L . -3.70 26.27 14.73
C4' GDU L . -3.48 24.93 14.10
C5' GDU L . -1.98 24.68 13.83
C6' GDU L . -1.80 23.69 12.74
O2' GDU L . -2.51 28.30 14.90
O3' GDU L . -5.13 26.47 14.94
O4' GDU L . -4.26 24.79 12.90
O5' GDU L . -1.23 25.92 13.53
O6' GDU L . -2.09 24.28 11.48
O1 MES M . -10.02 43.48 13.20
C2 MES M . -11.01 43.10 12.26
C3 MES M . -10.36 42.35 11.10
N4 MES M . -9.22 43.11 10.60
C5 MES M . -8.31 43.79 11.51
C6 MES M . -9.12 44.43 12.63
C7 MES M . -8.61 42.57 9.40
C8 MES M . -9.10 43.44 8.24
S MES M . -8.84 42.59 6.85
O1S MES M . -9.64 41.34 6.86
O2S MES M . -7.40 42.24 6.73
O3S MES M . -9.24 43.41 5.68
O1 MES N . -0.15 42.33 13.30
C2 MES N . -0.71 43.42 14.04
C3 MES N . -0.41 44.73 13.33
N4 MES N . 0.89 44.57 12.69
C5 MES N . 1.89 43.69 13.29
C6 MES N . 1.27 42.30 13.34
C7 MES N . 1.34 45.59 11.74
C8 MES N . 2.48 46.33 12.42
S MES N . 3.07 47.50 11.40
O1S MES N . 1.98 47.96 10.51
O2S MES N . 4.16 46.94 10.57
O3S MES N . 3.60 48.64 12.18
CA CA O . 0.50 29.45 9.56
HG HG P . 3.18 -15.25 -15.33
HG HG Q . 10.79 -27.27 -12.16
HG HG R . -27.03 -44.82 2.16
HG HG S . -16.45 -32.76 -31.27
CL CL T . -14.39 -34.49 -30.07
CL CL U . -16.21 -32.40 -34.28
CL CL V . -26.79 -42.81 0.49
N1 GDU W . -14.33 -17.14 -17.06
C2 GDU W . -15.14 -15.88 -17.22
N3 GDU W . -15.67 -15.45 -18.56
C4 GDU W . -15.35 -16.29 -19.71
C5 GDU W . -14.54 -17.52 -19.55
C6 GDU W . -14.02 -17.94 -18.22
O2 GDU W . -15.39 -15.21 -16.27
O4 GDU W . -15.76 -15.97 -20.80
C1D GDU W . -13.81 -17.50 -15.74
C2D GDU W . -14.16 -18.93 -15.22
O2D GDU W . -15.23 -18.88 -14.36
C3D GDU W . -12.92 -19.30 -14.43
C4D GDU W . -11.93 -18.80 -15.15
O4D GDU W . -12.50 -17.47 -15.82
O3D GDU W . -12.93 -18.68 -13.08
C5D GDU W . -11.55 -19.80 -16.22
O5D GDU W . -11.58 -21.08 -15.55
PA GDU W . -12.27 -22.38 -16.32
O1A GDU W . -12.49 -23.45 -15.28
O2A GDU W . -13.59 -21.97 -16.91
O3A GDU W . -11.18 -22.87 -17.48
PB GDU W . -10.18 -24.17 -17.30
O1B GDU W . -10.40 -25.09 -18.50
O2B GDU W . -10.46 -24.94 -16.00
O3B GDU W . -8.56 -23.73 -17.27
C1' GDU W . -8.22 -22.44 -17.51
C2' GDU W . -8.16 -22.20 -19.03
C3' GDU W . -7.00 -21.33 -19.38
C4' GDU W . -6.83 -20.21 -18.40
C5' GDU W . -6.58 -20.75 -16.98
C6' GDU W . -7.47 -20.03 -16.06
O2' GDU W . -8.01 -23.45 -19.69
O3' GDU W . -7.15 -20.79 -20.74
O4' GDU W . -8.01 -19.39 -18.39
O5' GDU W . -6.89 -22.19 -16.89
O6' GDU W . -6.81 -19.89 -14.81
CA CA X . -10.82 -24.61 -13.80
#